data_5IYX
#
_entry.id   5IYX
#
_cell.length_a   74.507
_cell.length_b   100.456
_cell.length_c   142.759
_cell.angle_alpha   90.00
_cell.angle_beta   90.00
_cell.angle_gamma   90.00
#
_symmetry.space_group_name_H-M   'P 21 21 21'
#
loop_
_entity.id
_entity.type
_entity.pdbx_description
1 polymer 'Receptor-like protein kinase 5'
2 polymer 'Protein IDA'
3 polymer 'Somatic embryogenesis receptor kinase 1'
4 branched 2-acetamido-2-deoxy-beta-D-glucopyranose-(1-4)-2-acetamido-2-deoxy-beta-D-glucopyranose
5 non-polymer 2-acetamido-2-deoxy-beta-D-glucopyranose
6 non-polymer 1,2-ETHANEDIOL
7 water water
#
loop_
_entity_poly.entity_id
_entity_poly.type
_entity_poly.pdbx_seq_one_letter_code
_entity_poly.pdbx_strand_id
1 'polypeptide(L)'
;GSSMGSLNQDATILRQAKLGLSDPAQSLSSWSDNNDVTPCKWLGVSCDATSNVVSVDLSSFMLVGPFPSILCHLPSLHSL
SLYNNSINGSLSADDFDTCHNLISLDLSENLLVGSIPKSLPFNLPNLKFLEISGNNLSDTIPSSFGEFRKLESLNLAGNF
LSGTIPASLGNVTTLKELKLAYNLFSPSQIPSQLGNLTELQVLWLAGCNLVGPIPPSLSRLTSLVNLDLTFNQLTGSIPS
WITQLKTVEQIELFNNSFSGELPESMGNMTTLKRFDASMNKLTGKIPDNLNLLNLESLNLFENMLEGPLPESITRSKTLS
ELKLFNNRLTGVLPSQLGANSPLQYVDLSYNRFSGEIPANVCGEGKLEYLILIDNSFSGEISNNLGKCKSLTRVRLSNNK
LSGQIPHGFWGLPRLSLLELSDNSFTGSIPKTIIGAKNLSNLRISKNRFSGSIPNEIGSLNGIIEISGAENDFSGEIPES
LVKLKQLSRLDLSKNQLSGEIPRELRGWKNLNELNLANNHLSGEIPKEVGILPVLNYLDLSSNQFSGEIPLELQNLKLNV
LNLSYNHLSGKIPPLYANKIYAHDFIGNPGLCVDLDGLCRKITRSKLEGSENLYFQGSAWSHPQFEKGGGSGGGSGGSAW
SHPQFEKGAHHHHHHHHH
;
A
2 'polypeptide(L)' YVPIPPSA(HYP)SKRHN B
3 'polypeptide(L)'
;GSSMASANLEGDALHTLRVTLVDPNNVLQSWDPTLVNPCTWFHVTCNNENSVIRVDLGNAELSGHLVPELGVLKNLQYLE
LYSNNITGPIPSNLGDLTNLVSLDLYLNSFSGPIPESLGKLSKLRFLRLNNNSLTGSIPMSLTQITTLQVLDLSNNRLSG
SVPDNGSFSLFTPISFANNLDLCGPVTSHPCPGSLENLYFQ
;
C
#
# COMPACT_ATOMS: atom_id res chain seq x y z
N LEU A 7 8.59 35.65 42.10
CA LEU A 7 8.12 36.58 41.04
C LEU A 7 6.60 36.46 40.81
N ASN A 8 5.84 36.98 41.77
CA ASN A 8 4.37 36.98 41.76
C ASN A 8 3.77 35.57 41.84
N GLN A 9 2.44 35.51 41.95
CA GLN A 9 1.71 34.24 42.01
C GLN A 9 1.76 33.45 40.69
N ASP A 10 2.01 34.15 39.58
CA ASP A 10 2.17 33.52 38.26
C ASP A 10 3.32 32.51 38.26
N ALA A 11 4.45 32.87 38.88
CA ALA A 11 5.57 31.94 39.07
C ALA A 11 5.20 30.74 39.96
N THR A 12 4.46 31.02 41.02
CA THR A 12 3.99 30.01 41.97
C THR A 12 3.01 29.02 41.35
N ILE A 13 1.98 29.56 40.70
CA ILE A 13 0.93 28.78 40.06
C ILE A 13 1.49 27.86 38.95
N LEU A 14 2.39 28.38 38.12
CA LEU A 14 3.04 27.59 37.06
C LEU A 14 3.84 26.40 37.63
N ARG A 15 4.57 26.64 38.72
CA ARG A 15 5.35 25.57 39.39
C ARG A 15 4.50 24.50 40.06
N GLN A 16 3.34 24.88 40.61
CA GLN A 16 2.36 23.92 41.13
C GLN A 16 1.81 23.01 40.02
N ALA A 17 1.50 23.61 38.86
CA ALA A 17 1.07 22.87 37.68
C ALA A 17 2.13 21.88 37.17
N LYS A 18 3.39 22.30 37.22
CA LYS A 18 4.53 21.46 36.87
C LYS A 18 4.73 20.29 37.84
N LEU A 19 4.41 20.52 39.12
CA LEU A 19 4.46 19.47 40.15
C LEU A 19 3.48 18.32 39.87
N GLY A 20 2.30 18.66 39.34
CA GLY A 20 1.28 17.68 39.02
C GLY A 20 1.51 16.82 37.78
N LEU A 21 2.47 17.22 36.93
CA LEU A 21 2.80 16.51 35.70
C LEU A 21 4.17 15.85 35.80
N SER A 22 4.27 14.65 35.22
CA SER A 22 5.55 13.96 35.03
C SER A 22 6.23 14.49 33.75
N ASP A 23 7.53 14.78 33.86
CA ASP A 23 8.28 15.53 32.85
C ASP A 23 9.60 14.79 32.51
N PRO A 24 9.50 13.61 31.89
CA PRO A 24 10.71 12.80 31.66
C PRO A 24 11.76 13.46 30.74
N ALA A 25 11.32 14.27 29.78
CA ALA A 25 12.23 14.96 28.85
C ALA A 25 12.85 16.25 29.42
N GLN A 26 12.41 16.67 30.60
CA GLN A 26 12.80 17.93 31.23
C GLN A 26 12.54 19.15 30.33
N SER A 27 11.39 19.11 29.64
CA SER A 27 10.94 20.19 28.78
C SER A 27 10.68 21.48 29.51
N LEU A 28 10.40 21.39 30.81
CA LEU A 28 10.13 22.56 31.65
C LEU A 28 11.29 22.86 32.60
N SER A 29 12.53 22.57 32.18
CA SER A 29 13.70 22.80 33.07
C SER A 29 13.96 24.29 33.35
N SER A 30 13.54 25.18 32.45
CA SER A 30 13.58 26.62 32.70
C SER A 30 12.66 27.08 33.84
N TRP A 31 11.59 26.34 34.10
CA TRP A 31 10.59 26.71 35.13
C TRP A 31 11.13 26.50 36.53
N SER A 32 11.52 25.26 36.82
CA SER A 32 12.03 24.85 38.13
C SER A 32 13.55 24.83 38.07
N ASP A 33 14.13 26.00 37.82
CA ASP A 33 15.58 26.17 37.73
C ASP A 33 15.78 27.67 37.74
N ASN A 34 16.16 28.19 38.91
CA ASN A 34 15.88 29.58 39.29
C ASN A 34 16.58 30.68 38.48
N ASN A 35 17.75 31.14 38.97
CA ASN A 35 18.42 32.37 38.49
C ASN A 35 17.59 33.66 38.56
N ASP A 36 16.57 33.70 39.45
CA ASP A 36 15.66 34.85 39.62
C ASP A 36 14.88 35.27 38.36
N VAL A 37 14.74 34.37 37.39
CA VAL A 37 14.09 34.69 36.11
C VAL A 37 12.56 34.69 36.28
N THR A 38 11.90 35.72 35.75
CA THR A 38 10.45 35.90 35.91
C THR A 38 9.70 35.01 34.89
N PRO A 39 8.39 34.72 35.14
CA PRO A 39 7.62 33.79 34.29
C PRO A 39 7.61 34.08 32.78
N CYS A 40 7.70 35.34 32.39
CA CYS A 40 7.55 35.75 30.98
C CYS A 40 8.63 35.27 30.01
N LYS A 41 9.80 34.86 30.53
CA LYS A 41 10.87 34.29 29.70
C LYS A 41 11.04 32.78 29.87
N TRP A 42 10.16 32.15 30.66
CA TRP A 42 10.09 30.70 30.78
C TRP A 42 9.54 30.07 29.50
N LEU A 43 10.02 28.88 29.16
CA LEU A 43 9.70 28.22 27.90
C LEU A 43 8.21 27.87 27.83
N GLY A 44 7.58 28.26 26.72
CA GLY A 44 6.16 28.04 26.51
C GLY A 44 5.22 29.07 27.12
N VAL A 45 5.74 29.98 27.94
CA VAL A 45 4.93 30.98 28.63
C VAL A 45 5.13 32.33 27.95
N SER A 46 4.01 32.98 27.62
CA SER A 46 4.03 34.24 26.90
C SER A 46 3.23 35.27 27.69
N CYS A 47 3.69 36.51 27.67
CA CYS A 47 3.06 37.61 28.42
C CYS A 47 2.63 38.76 27.52
N ASP A 48 1.83 39.65 28.12
CA ASP A 48 1.48 40.94 27.50
C ASP A 48 2.49 41.99 27.97
N ALA A 49 2.21 43.26 27.68
CA ALA A 49 3.10 44.36 28.07
C ALA A 49 3.20 44.62 29.59
N THR A 50 2.22 44.17 30.37
CA THR A 50 2.18 44.38 31.84
C THR A 50 2.64 43.17 32.68
N SER A 51 3.45 42.29 32.08
CA SER A 51 3.98 41.08 32.74
C SER A 51 2.93 40.14 33.37
N ASN A 52 1.77 40.05 32.73
CA ASN A 52 0.74 39.07 33.09
C ASN A 52 0.81 37.94 32.09
N VAL A 53 0.81 36.71 32.60
CA VAL A 53 0.82 35.51 31.77
C VAL A 53 -0.51 35.47 31.03
N VAL A 54 -0.44 35.72 29.73
CA VAL A 54 -1.60 35.78 28.86
C VAL A 54 -1.85 34.44 28.13
N SER A 55 -0.82 33.62 27.96
CA SER A 55 -0.96 32.27 27.38
C SER A 55 0.10 31.27 27.84
N VAL A 56 -0.27 30.00 27.81
CA VAL A 56 0.63 28.88 28.11
C VAL A 56 0.53 27.85 26.97
N ASP A 57 1.64 27.63 26.27
CA ASP A 57 1.73 26.66 25.17
C ASP A 57 2.80 25.63 25.49
N LEU A 58 2.38 24.40 25.79
CA LEU A 58 3.29 23.31 26.13
C LEU A 58 3.29 22.21 25.06
N SER A 59 3.23 22.62 23.79
CA SER A 59 3.05 21.67 22.69
C SER A 59 4.24 20.75 22.49
N SER A 60 3.97 19.46 22.40
CA SER A 60 4.98 18.44 22.11
C SER A 60 6.11 18.40 23.17
N PHE A 61 5.73 18.52 24.44
CA PHE A 61 6.71 18.49 25.57
C PHE A 61 6.86 17.13 26.24
N MET A 62 6.12 16.12 25.77
CA MET A 62 6.09 14.76 26.36
C MET A 62 5.65 14.75 27.83
N LEU A 63 4.74 15.65 28.19
CA LEU A 63 4.22 15.73 29.56
C LEU A 63 3.17 14.65 29.80
N VAL A 64 3.27 14.01 30.96
CA VAL A 64 2.37 12.92 31.34
C VAL A 64 1.71 13.30 32.66
N GLY A 65 0.40 13.12 32.73
CA GLY A 65 -0.36 13.27 33.98
C GLY A 65 -1.70 13.89 33.74
N PRO A 66 -2.53 14.04 34.81
CA PRO A 66 -3.88 14.60 34.65
C PRO A 66 -3.88 16.06 34.17
N PHE A 67 -5.02 16.53 33.70
CA PHE A 67 -5.16 17.90 33.22
C PHE A 67 -4.85 18.87 34.37
N PRO A 68 -3.88 19.79 34.17
CA PRO A 68 -3.50 20.72 35.24
C PRO A 68 -4.46 21.90 35.39
N SER A 69 -5.58 21.67 36.09
CA SER A 69 -6.61 22.69 36.34
C SER A 69 -6.08 23.93 37.09
N ILE A 70 -4.98 23.77 37.82
CA ILE A 70 -4.35 24.88 38.55
C ILE A 70 -3.87 26.00 37.61
N LEU A 71 -3.53 25.67 36.36
CA LEU A 71 -3.16 26.70 35.36
C LEU A 71 -4.20 27.82 35.13
N CYS A 72 -5.48 27.52 35.38
CA CYS A 72 -6.54 28.53 35.26
C CYS A 72 -6.66 29.53 36.42
N HIS A 73 -5.90 29.31 37.49
CA HIS A 73 -5.80 30.29 38.57
C HIS A 73 -5.03 31.55 38.11
N LEU A 74 -4.31 31.45 36.99
CA LEU A 74 -3.74 32.63 36.32
C LEU A 74 -4.88 33.55 35.86
N PRO A 75 -4.97 34.78 36.43
CA PRO A 75 -6.13 35.63 36.17
C PRO A 75 -6.26 36.14 34.73
N SER A 76 -5.12 36.39 34.09
CA SER A 76 -5.08 36.93 32.73
C SER A 76 -4.99 35.87 31.60
N LEU A 77 -5.15 34.59 31.91
CA LEU A 77 -4.92 33.52 30.92
C LEU A 77 -6.01 33.49 29.84
N HIS A 78 -5.57 33.56 28.58
CA HIS A 78 -6.45 33.57 27.40
C HIS A 78 -6.31 32.32 26.54
N SER A 79 -5.08 31.85 26.31
CA SER A 79 -4.83 30.63 25.52
C SER A 79 -4.13 29.55 26.35
N LEU A 80 -4.61 28.32 26.22
CA LEU A 80 -3.96 27.18 26.84
C LEU A 80 -3.87 26.07 25.80
N SER A 81 -2.65 25.73 25.43
CA SER A 81 -2.37 24.64 24.50
C SER A 81 -1.55 23.57 25.20
N LEU A 82 -2.11 22.37 25.29
CA LEU A 82 -1.40 21.17 25.71
C LEU A 82 -1.30 20.17 24.58
N TYR A 83 -1.32 20.68 23.33
CA TYR A 83 -1.32 19.87 22.11
C TYR A 83 -0.18 18.85 22.11
N ASN A 84 -0.50 17.60 21.77
CA ASN A 84 0.51 16.55 21.52
C ASN A 84 1.37 16.27 22.77
N ASN A 85 0.72 15.81 23.82
CA ASN A 85 1.39 15.36 25.05
C ASN A 85 0.77 14.01 25.46
N SER A 86 1.00 13.56 26.70
CA SER A 86 0.27 12.42 27.24
C SER A 86 -0.54 12.83 28.48
N ILE A 87 -1.29 13.91 28.36
CA ILE A 87 -2.26 14.30 29.37
C ILE A 87 -3.32 13.20 29.40
N ASN A 88 -3.50 12.57 30.57
CA ASN A 88 -4.38 11.39 30.68
C ASN A 88 -5.50 11.56 31.71
N GLY A 89 -6.24 10.48 31.98
CA GLY A 89 -7.42 10.54 32.84
C GLY A 89 -8.57 11.20 32.09
N SER A 90 -9.58 11.61 32.83
CA SER A 90 -10.73 12.28 32.25
C SER A 90 -10.77 13.74 32.65
N LEU A 91 -11.65 14.50 31.99
CA LEU A 91 -11.97 15.85 32.38
C LEU A 91 -13.19 15.80 33.29
N SER A 92 -13.31 16.79 34.16
CA SER A 92 -14.48 16.92 35.04
C SER A 92 -14.95 18.37 35.06
N ALA A 93 -16.12 18.60 35.65
CA ALA A 93 -16.65 19.96 35.83
C ALA A 93 -15.68 20.83 36.64
N ASP A 94 -15.14 20.25 37.72
CA ASP A 94 -14.18 20.94 38.61
C ASP A 94 -12.90 21.42 37.93
N ASP A 95 -12.49 20.75 36.86
CA ASP A 95 -11.27 21.12 36.13
C ASP A 95 -11.33 22.51 35.48
N PHE A 96 -12.52 22.99 35.12
CA PHE A 96 -12.65 24.27 34.41
C PHE A 96 -13.42 25.36 35.18
N ASP A 97 -13.44 25.30 36.51
CA ASP A 97 -14.19 26.28 37.31
C ASP A 97 -13.62 27.69 37.18
N THR A 98 -12.31 27.81 37.31
CA THR A 98 -11.64 29.11 37.31
C THR A 98 -11.24 29.61 35.91
N CYS A 99 -11.49 28.82 34.86
CA CYS A 99 -11.01 29.12 33.50
C CYS A 99 -11.86 30.11 32.68
N HIS A 100 -12.77 30.87 33.33
CA HIS A 100 -13.75 31.70 32.59
C HIS A 100 -13.18 32.85 31.71
N ASN A 101 -11.86 33.11 31.78
CA ASN A 101 -11.22 34.06 30.87
C ASN A 101 -10.65 33.44 29.59
N LEU A 102 -10.65 32.10 29.47
CA LEU A 102 -10.11 31.44 28.28
C LEU A 102 -10.87 31.80 26.99
N ILE A 103 -10.09 32.18 25.98
CA ILE A 103 -10.54 32.36 24.60
C ILE A 103 -10.22 31.12 23.76
N SER A 104 -9.07 30.51 24.01
CA SER A 104 -8.57 29.41 23.21
C SER A 104 -8.16 28.25 24.10
N LEU A 105 -8.59 27.05 23.74
CA LEU A 105 -8.26 25.83 24.48
C LEU A 105 -7.96 24.67 23.51
N ASP A 106 -6.70 24.25 23.48
CA ASP A 106 -6.25 23.12 22.65
C ASP A 106 -5.78 21.99 23.55
N LEU A 107 -6.56 20.90 23.59
CA LEU A 107 -6.20 19.68 24.33
C LEU A 107 -5.99 18.48 23.40
N SER A 108 -5.75 18.75 22.13
CA SER A 108 -5.69 17.71 21.10
C SER A 108 -4.42 16.90 21.19
N GLU A 109 -4.51 15.66 20.70
CA GLU A 109 -3.42 14.68 20.69
C GLU A 109 -2.89 14.41 22.10
N ASN A 110 -3.81 13.99 22.95
CA ASN A 110 -3.53 13.56 24.32
C ASN A 110 -4.21 12.21 24.58
N LEU A 111 -4.17 11.72 25.81
CA LEU A 111 -4.79 10.44 26.17
C LEU A 111 -6.02 10.61 27.08
N LEU A 112 -6.85 11.60 26.79
CA LEU A 112 -8.05 11.88 27.57
C LEU A 112 -9.14 10.86 27.29
N VAL A 113 -9.80 10.40 28.35
CA VAL A 113 -10.86 9.39 28.26
C VAL A 113 -12.12 9.93 28.94
N GLY A 114 -13.21 9.17 28.88
CA GLY A 114 -14.45 9.56 29.53
C GLY A 114 -15.19 10.56 28.68
N SER A 115 -16.12 11.29 29.29
CA SER A 115 -17.02 12.17 28.55
C SER A 115 -16.63 13.64 28.62
N ILE A 116 -17.13 14.41 27.65
CA ILE A 116 -16.93 15.85 27.63
C ILE A 116 -17.88 16.43 28.67
N PRO A 117 -17.36 17.14 29.69
CA PRO A 117 -18.25 17.64 30.75
C PRO A 117 -19.36 18.52 30.21
N LYS A 118 -20.56 18.32 30.72
CA LYS A 118 -21.76 19.02 30.24
C LYS A 118 -21.73 20.52 30.59
N SER A 119 -21.09 20.85 31.71
CA SER A 119 -20.99 22.23 32.22
C SER A 119 -19.94 23.11 31.52
N LEU A 120 -19.28 22.59 30.49
CA LEU A 120 -18.16 23.29 29.83
C LEU A 120 -18.50 24.67 29.22
N PRO A 121 -19.62 24.78 28.47
CA PRO A 121 -20.03 26.11 27.97
C PRO A 121 -20.37 27.16 29.03
N PHE A 122 -20.99 26.74 30.14
CA PHE A 122 -21.28 27.62 31.27
C PHE A 122 -19.98 28.12 31.89
N ASN A 123 -19.03 27.21 32.10
CA ASN A 123 -17.71 27.54 32.65
C ASN A 123 -16.80 28.34 31.73
N LEU A 124 -16.91 28.15 30.42
CA LEU A 124 -16.05 28.80 29.43
C LEU A 124 -16.84 29.71 28.47
N PRO A 125 -17.48 30.76 29.00
CA PRO A 125 -18.33 31.62 28.16
C PRO A 125 -17.59 32.34 27.03
N ASN A 126 -16.30 32.62 27.21
CA ASN A 126 -15.53 33.42 26.24
C ASN A 126 -14.78 32.62 25.19
N LEU A 127 -14.91 31.28 25.19
CA LEU A 127 -14.17 30.44 24.25
C LEU A 127 -14.51 30.76 22.79
N LYS A 128 -13.47 31.00 21.99
CA LYS A 128 -13.58 31.07 20.54
C LYS A 128 -13.04 29.81 19.85
N PHE A 129 -12.12 29.10 20.48
CA PHE A 129 -11.47 27.91 19.90
C PHE A 129 -11.43 26.78 20.93
N LEU A 130 -12.04 25.65 20.58
CA LEU A 130 -12.00 24.44 21.41
C LEU A 130 -11.57 23.26 20.55
N GLU A 131 -10.42 22.67 20.89
CA GLU A 131 -9.95 21.46 20.22
C GLU A 131 -9.64 20.38 21.23
N ILE A 132 -10.31 19.23 21.09
CA ILE A 132 -9.99 18.04 21.88
C ILE A 132 -9.88 16.84 20.92
N SER A 133 -9.18 17.09 19.82
CA SER A 133 -9.04 16.14 18.73
C SER A 133 -7.96 15.10 19.03
N GLY A 134 -8.16 13.86 18.57
CA GLY A 134 -7.15 12.81 18.76
C GLY A 134 -6.93 12.39 20.20
N ASN A 135 -8.02 12.29 20.96
CA ASN A 135 -8.00 11.77 22.31
C ASN A 135 -8.80 10.47 22.29
N ASN A 136 -9.12 9.92 23.46
CA ASN A 136 -9.95 8.70 23.57
C ASN A 136 -11.32 8.98 24.21
N LEU A 137 -11.93 10.12 23.85
CA LEU A 137 -13.22 10.54 24.46
C LEU A 137 -14.40 9.68 24.02
N SER A 138 -15.35 9.48 24.93
CA SER A 138 -16.50 8.61 24.71
C SER A 138 -17.76 9.32 25.21
N ASP A 139 -18.92 8.66 25.11
CA ASP A 139 -20.21 9.26 25.45
C ASP A 139 -20.61 10.28 24.36
N THR A 140 -21.72 10.97 24.53
CA THR A 140 -22.24 11.87 23.48
C THR A 140 -21.65 13.25 23.60
N ILE A 141 -21.69 14.00 22.50
CA ILE A 141 -21.40 15.42 22.52
C ILE A 141 -22.57 16.08 23.28
N PRO A 142 -22.28 16.79 24.39
CA PRO A 142 -23.37 17.41 25.16
C PRO A 142 -24.20 18.41 24.36
N SER A 143 -25.53 18.32 24.50
CA SER A 143 -26.46 19.28 23.86
C SER A 143 -26.29 20.71 24.42
N SER A 144 -25.79 20.82 25.65
CA SER A 144 -25.39 22.10 26.23
C SER A 144 -24.41 22.94 25.36
N PHE A 145 -23.66 22.28 24.46
CA PHE A 145 -22.79 23.00 23.52
C PHE A 145 -23.53 24.02 22.63
N GLY A 146 -24.86 23.89 22.50
CA GLY A 146 -25.69 24.93 21.90
C GLY A 146 -25.71 26.28 22.63
N GLU A 147 -25.34 26.30 23.91
CA GLU A 147 -25.24 27.53 24.70
C GLU A 147 -23.98 28.37 24.48
N PHE A 148 -22.95 27.83 23.80
CA PHE A 148 -21.75 28.61 23.42
C PHE A 148 -22.10 29.88 22.62
N ARG A 149 -21.78 31.06 23.17
CA ARG A 149 -22.16 32.33 22.56
C ARG A 149 -21.11 32.93 21.61
N LYS A 150 -19.84 32.53 21.74
CA LYS A 150 -18.75 33.11 20.93
C LYS A 150 -17.91 32.11 20.12
N LEU A 151 -18.22 30.82 20.20
CA LEU A 151 -17.36 29.76 19.64
C LEU A 151 -17.25 29.79 18.11
N GLU A 152 -16.01 29.89 17.61
CA GLU A 152 -15.71 29.96 16.17
C GLU A 152 -15.15 28.67 15.58
N SER A 153 -14.54 27.84 16.42
CA SER A 153 -13.96 26.59 15.97
C SER A 153 -14.19 25.50 17.02
N LEU A 154 -14.66 24.34 16.57
CA LEU A 154 -14.85 23.18 17.41
C LEU A 154 -14.27 22.01 16.65
N ASN A 155 -13.23 21.41 17.20
CA ASN A 155 -12.62 20.21 16.63
C ASN A 155 -12.63 19.12 17.71
N LEU A 156 -13.50 18.12 17.53
CA LEU A 156 -13.53 16.91 18.39
C LEU A 156 -13.19 15.66 17.58
N ALA A 157 -12.47 15.84 16.47
CA ALA A 157 -12.23 14.77 15.52
C ALA A 157 -11.30 13.70 16.10
N GLY A 158 -11.57 12.44 15.77
CA GLY A 158 -10.70 11.35 16.19
C GLY A 158 -10.85 11.04 17.66
N ASN A 159 -12.06 10.69 18.04
CA ASN A 159 -12.37 10.22 19.39
C ASN A 159 -13.29 8.99 19.25
N PHE A 160 -13.87 8.52 20.35
CA PHE A 160 -14.87 7.46 20.33
C PHE A 160 -16.24 7.99 20.79
N LEU A 161 -16.53 9.24 20.43
CA LEU A 161 -17.79 9.87 20.78
C LEU A 161 -18.92 9.14 20.07
N SER A 162 -20.01 8.93 20.81
CA SER A 162 -21.11 8.06 20.42
C SER A 162 -22.43 8.87 20.35
N GLY A 163 -23.54 8.17 20.07
CA GLY A 163 -24.83 8.84 19.86
C GLY A 163 -24.85 9.48 18.48
N THR A 164 -25.43 10.68 18.37
CA THR A 164 -25.50 11.41 17.10
C THR A 164 -25.06 12.85 17.27
N ILE A 165 -24.75 13.49 16.14
CA ILE A 165 -24.31 14.88 16.14
C ILE A 165 -25.50 15.73 16.64
N PRO A 166 -25.32 16.43 17.78
CA PRO A 166 -26.47 17.12 18.35
C PRO A 166 -26.96 18.27 17.47
N ALA A 167 -28.28 18.34 17.29
CA ALA A 167 -28.92 19.38 16.49
C ALA A 167 -28.66 20.79 17.04
N SER A 168 -28.55 20.90 18.37
CA SER A 168 -28.31 22.18 19.04
C SER A 168 -27.04 22.91 18.58
N LEU A 169 -26.08 22.20 17.99
CA LEU A 169 -24.91 22.85 17.38
C LEU A 169 -25.26 23.85 16.29
N GLY A 170 -26.44 23.70 15.66
CA GLY A 170 -26.98 24.71 14.75
C GLY A 170 -27.27 26.06 15.39
N ASN A 171 -27.53 26.05 16.69
CA ASN A 171 -27.73 27.27 17.47
C ASN A 171 -26.47 28.15 17.58
N VAL A 172 -25.28 27.58 17.42
CA VAL A 172 -24.00 28.29 17.63
C VAL A 172 -23.54 29.01 16.35
N THR A 173 -24.23 30.09 16.00
CA THR A 173 -24.06 30.79 14.71
C THR A 173 -22.72 31.52 14.53
N THR A 174 -21.96 31.63 15.60
CA THR A 174 -20.59 32.14 15.53
C THR A 174 -19.57 31.14 14.95
N LEU A 175 -19.96 29.88 14.78
CA LEU A 175 -19.07 28.84 14.21
C LEU A 175 -18.62 29.10 12.76
N LYS A 176 -17.30 29.04 12.57
CA LYS A 176 -16.68 29.03 11.24
C LYS A 176 -16.11 27.65 10.87
N GLU A 177 -15.76 26.81 11.86
CA GLU A 177 -15.20 25.49 11.60
C GLU A 177 -15.85 24.44 12.52
N LEU A 178 -16.46 23.42 11.93
CA LEU A 178 -17.01 22.29 12.65
C LEU A 178 -16.36 20.98 12.17
N LYS A 179 -15.56 20.38 13.05
CA LYS A 179 -14.80 19.18 12.74
C LYS A 179 -15.15 18.07 13.72
N LEU A 180 -15.96 17.12 13.28
CA LEU A 180 -16.39 15.98 14.11
C LEU A 180 -15.98 14.63 13.53
N ALA A 181 -15.08 14.66 12.54
CA ALA A 181 -14.67 13.48 11.79
C ALA A 181 -14.09 12.35 12.65
N TYR A 182 -14.34 11.11 12.20
CA TYR A 182 -13.75 9.89 12.80
C TYR A 182 -14.13 9.73 14.26
N ASN A 183 -15.42 9.55 14.45
CA ASN A 183 -15.99 9.27 15.75
C ASN A 183 -16.99 8.14 15.62
N LEU A 184 -17.41 7.60 16.75
CA LEU A 184 -18.13 6.35 16.77
C LEU A 184 -19.65 6.57 16.89
N PHE A 185 -20.18 7.48 16.06
CA PHE A 185 -21.60 7.84 16.12
C PHE A 185 -22.48 6.73 15.58
N SER A 186 -23.72 6.71 16.08
CA SER A 186 -24.76 5.84 15.55
C SER A 186 -25.16 6.26 14.13
N PRO A 187 -25.68 5.31 13.33
CA PRO A 187 -26.17 5.67 11.98
C PRO A 187 -27.24 6.76 12.06
N SER A 188 -27.08 7.83 11.29
CA SER A 188 -27.98 8.98 11.38
C SER A 188 -27.78 9.95 10.21
N GLN A 189 -28.80 10.76 9.95
CA GLN A 189 -28.71 11.78 8.90
C GLN A 189 -27.95 12.99 9.43
N ILE A 190 -27.40 13.78 8.51
CA ILE A 190 -26.75 15.03 8.89
C ILE A 190 -27.88 15.87 9.48
N PRO A 191 -27.72 16.37 10.72
CA PRO A 191 -28.80 17.19 11.25
C PRO A 191 -29.10 18.39 10.35
N SER A 192 -30.39 18.66 10.20
CA SER A 192 -30.88 19.74 9.35
C SER A 192 -30.52 21.11 9.92
N GLN A 193 -30.40 21.18 11.24
CA GLN A 193 -30.10 22.43 11.97
C GLN A 193 -28.71 23.01 11.67
N LEU A 194 -27.80 22.18 11.15
CA LEU A 194 -26.47 22.66 10.73
C LEU A 194 -26.54 23.67 9.57
N GLY A 195 -27.64 23.69 8.83
CA GLY A 195 -27.90 24.70 7.81
C GLY A 195 -28.02 26.10 8.32
N ASN A 196 -28.37 26.26 9.60
CA ASN A 196 -28.38 27.57 10.27
C ASN A 196 -26.99 28.21 10.46
N LEU A 197 -25.92 27.42 10.41
CA LEU A 197 -24.56 27.92 10.63
C LEU A 197 -23.99 28.70 9.45
N THR A 198 -24.53 29.87 9.18
CA THR A 198 -24.24 30.60 7.92
C THR A 198 -22.83 31.16 7.80
N GLU A 199 -22.08 31.20 8.90
CA GLU A 199 -20.66 31.61 8.85
C GLU A 199 -19.67 30.44 8.61
N LEU A 200 -20.15 29.20 8.56
CA LEU A 200 -19.27 28.02 8.37
C LEU A 200 -18.38 28.09 7.13
N GLN A 201 -17.08 27.99 7.35
CA GLN A 201 -16.08 27.86 6.30
C GLN A 201 -15.61 26.39 6.11
N VAL A 202 -15.56 25.63 7.19
CA VAL A 202 -15.08 24.25 7.18
C VAL A 202 -16.12 23.36 7.85
N LEU A 203 -16.54 22.30 7.14
CA LEU A 203 -17.41 21.26 7.71
C LEU A 203 -16.79 19.91 7.38
N TRP A 204 -16.29 19.25 8.43
CA TRP A 204 -15.55 18.00 8.29
C TRP A 204 -16.24 16.94 9.14
N LEU A 205 -17.12 16.16 8.50
CA LEU A 205 -17.87 15.06 9.14
C LEU A 205 -17.55 13.73 8.46
N ALA A 206 -16.27 13.49 8.21
CA ALA A 206 -15.79 12.23 7.62
C ALA A 206 -15.80 11.10 8.64
N GLY A 207 -16.16 9.89 8.22
CA GLY A 207 -16.22 8.76 9.15
C GLY A 207 -17.11 9.03 10.35
N CYS A 208 -18.29 9.55 10.09
CA CYS A 208 -19.28 9.87 11.12
C CYS A 208 -20.52 9.01 11.03
N ASN A 209 -20.46 7.95 10.21
CA ASN A 209 -21.55 6.99 10.10
C ASN A 209 -22.85 7.66 9.63
N LEU A 210 -22.74 8.64 8.74
CA LEU A 210 -23.89 9.37 8.23
C LEU A 210 -24.62 8.53 7.17
N VAL A 211 -25.94 8.71 7.07
CA VAL A 211 -26.78 8.01 6.08
C VAL A 211 -27.79 8.98 5.48
N GLY A 212 -28.52 8.53 4.47
CA GLY A 212 -29.52 9.35 3.80
C GLY A 212 -28.92 10.48 2.97
N PRO A 213 -29.79 11.34 2.39
CA PRO A 213 -29.33 12.44 1.54
C PRO A 213 -28.70 13.59 2.30
N ILE A 214 -27.93 14.41 1.60
CA ILE A 214 -27.41 15.68 2.17
C ILE A 214 -28.64 16.59 2.35
N PRO A 215 -28.88 17.11 3.59
CA PRO A 215 -30.05 17.97 3.81
C PRO A 215 -30.04 19.24 2.94
N PRO A 216 -31.19 19.59 2.31
CA PRO A 216 -31.31 20.87 1.58
C PRO A 216 -30.94 22.14 2.39
N SER A 217 -31.17 22.11 3.70
CA SER A 217 -30.67 23.13 4.66
C SER A 217 -29.25 23.66 4.38
N LEU A 218 -28.36 22.76 3.95
CA LEU A 218 -26.96 23.10 3.76
C LEU A 218 -26.67 23.99 2.54
N SER A 219 -27.67 24.29 1.72
CA SER A 219 -27.53 25.32 0.67
C SER A 219 -27.25 26.70 1.26
N ARG A 220 -27.75 26.93 2.47
CA ARG A 220 -27.55 28.20 3.18
C ARG A 220 -26.14 28.40 3.74
N LEU A 221 -25.29 27.37 3.67
CA LEU A 221 -23.89 27.50 4.07
C LEU A 221 -23.08 28.09 2.91
N THR A 222 -23.36 29.35 2.59
CA THR A 222 -22.85 29.98 1.36
C THR A 222 -21.38 30.37 1.43
N SER A 223 -20.82 30.48 2.64
CA SER A 223 -19.40 30.86 2.79
C SER A 223 -18.50 29.66 3.13
N LEU A 224 -18.93 28.45 2.77
CA LEU A 224 -18.11 27.23 2.86
C LEU A 224 -16.88 27.31 1.97
N VAL A 225 -15.75 26.88 2.53
CA VAL A 225 -14.47 26.80 1.84
C VAL A 225 -14.12 25.33 1.60
N ASN A 226 -14.22 24.51 2.65
CA ASN A 226 -13.96 23.07 2.59
C ASN A 226 -15.14 22.27 3.17
N LEU A 227 -15.75 21.41 2.34
CA LEU A 227 -16.82 20.50 2.73
C LEU A 227 -16.28 19.10 2.54
N ASP A 228 -16.15 18.37 3.64
CA ASP A 228 -15.63 17.01 3.59
C ASP A 228 -16.61 16.09 4.33
N LEU A 229 -17.25 15.18 3.57
CA LEU A 229 -18.18 14.20 4.11
C LEU A 229 -17.73 12.78 3.75
N THR A 230 -16.42 12.58 3.62
CA THR A 230 -15.90 11.30 3.12
C THR A 230 -16.15 10.16 4.11
N PHE A 231 -16.17 8.93 3.60
CA PHE A 231 -16.29 7.71 4.43
C PHE A 231 -17.57 7.66 5.29
N ASN A 232 -18.71 7.82 4.62
CA ASN A 232 -20.01 7.66 5.25
C ASN A 232 -20.87 6.79 4.35
N GLN A 233 -22.18 6.81 4.52
CA GLN A 233 -23.07 6.08 3.64
C GLN A 233 -24.16 7.00 3.11
N LEU A 234 -23.79 8.22 2.75
CA LEU A 234 -24.73 9.20 2.23
C LEU A 234 -25.23 8.71 0.87
N THR A 235 -26.47 9.08 0.56
CA THR A 235 -27.18 8.59 -0.62
C THR A 235 -27.77 9.78 -1.41
N GLY A 236 -28.45 9.46 -2.51
CA GLY A 236 -29.09 10.46 -3.34
C GLY A 236 -28.08 11.13 -4.28
N SER A 237 -28.53 12.20 -4.93
CA SER A 237 -27.69 12.97 -5.83
C SER A 237 -26.73 13.87 -5.04
N ILE A 238 -25.61 14.21 -5.67
CA ILE A 238 -24.78 15.30 -5.22
C ILE A 238 -25.58 16.53 -5.65
N PRO A 239 -26.11 17.29 -4.67
CA PRO A 239 -27.10 18.32 -4.98
C PRO A 239 -26.56 19.45 -5.87
N SER A 240 -27.42 19.99 -6.73
CA SER A 240 -27.00 21.06 -7.64
C SER A 240 -26.72 22.40 -6.95
N TRP A 241 -27.15 22.56 -5.69
CA TRP A 241 -26.86 23.80 -4.94
C TRP A 241 -25.41 23.98 -4.48
N ILE A 242 -24.53 23.00 -4.69
CA ILE A 242 -23.08 23.19 -4.46
C ILE A 242 -22.50 24.28 -5.37
N THR A 243 -23.15 24.50 -6.51
CA THR A 243 -22.86 25.60 -7.42
C THR A 243 -23.01 26.99 -6.78
N GLN A 244 -23.97 27.12 -5.87
CA GLN A 244 -24.24 28.37 -5.15
C GLN A 244 -23.31 28.64 -3.99
N LEU A 245 -22.35 27.74 -3.73
CA LEU A 245 -21.28 27.97 -2.76
C LEU A 245 -20.21 28.82 -3.46
N LYS A 246 -20.33 30.13 -3.29
CA LYS A 246 -19.58 31.13 -4.06
C LYS A 246 -18.06 31.14 -3.80
N THR A 247 -17.66 30.70 -2.61
CA THR A 247 -16.27 30.76 -2.15
C THR A 247 -15.64 29.38 -1.92
N VAL A 248 -16.28 28.32 -2.41
CA VAL A 248 -15.86 26.94 -2.11
C VAL A 248 -14.59 26.55 -2.89
N GLU A 249 -13.60 26.02 -2.14
CA GLU A 249 -12.30 25.61 -2.68
C GLU A 249 -12.09 24.08 -2.69
N GLN A 250 -12.69 23.38 -1.73
CA GLN A 250 -12.51 21.95 -1.59
C GLN A 250 -13.84 21.28 -1.29
N ILE A 251 -14.18 20.26 -2.07
CA ILE A 251 -15.32 19.39 -1.78
C ILE A 251 -14.82 17.94 -1.81
N GLU A 252 -14.97 17.24 -0.68
CA GLU A 252 -14.53 15.85 -0.56
C GLU A 252 -15.75 14.97 -0.23
N LEU A 253 -16.16 14.15 -1.20
CA LEU A 253 -17.35 13.31 -1.06
C LEU A 253 -17.09 11.82 -1.33
N PHE A 254 -15.81 11.44 -1.41
CA PHE A 254 -15.48 10.07 -1.77
C PHE A 254 -15.80 9.07 -0.67
N ASN A 255 -16.05 7.82 -1.08
CA ASN A 255 -16.49 6.73 -0.20
C ASN A 255 -17.84 7.00 0.43
N ASN A 256 -18.86 7.05 -0.43
CA ASN A 256 -20.26 7.21 -0.04
C ASN A 256 -21.14 6.38 -1.00
N SER A 257 -22.47 6.53 -0.94
CA SER A 257 -23.37 5.88 -1.92
C SER A 257 -24.12 6.91 -2.75
N PHE A 258 -23.41 7.95 -3.18
CA PHE A 258 -24.01 8.96 -4.03
C PHE A 258 -24.27 8.35 -5.41
N SER A 259 -25.39 8.73 -6.02
CA SER A 259 -25.81 8.22 -7.32
C SER A 259 -26.31 9.40 -8.15
N GLY A 260 -26.84 9.12 -9.35
CA GLY A 260 -27.28 10.17 -10.24
C GLY A 260 -26.09 10.84 -10.90
N GLU A 261 -26.36 11.95 -11.59
CA GLU A 261 -25.34 12.64 -12.37
C GLU A 261 -24.68 13.68 -11.50
N LEU A 262 -23.43 14.02 -11.84
CA LEU A 262 -22.82 15.22 -11.31
C LEU A 262 -23.63 16.41 -11.82
N PRO A 263 -23.83 17.43 -10.96
CA PRO A 263 -24.73 18.52 -11.40
C PRO A 263 -24.14 19.27 -12.59
N GLU A 264 -24.94 19.45 -13.64
CA GLU A 264 -24.46 20.07 -14.89
C GLU A 264 -23.99 21.51 -14.68
N SER A 265 -24.58 22.19 -13.71
CA SER A 265 -24.19 23.55 -13.33
C SER A 265 -22.76 23.71 -12.76
N MET A 266 -22.14 22.62 -12.30
CA MET A 266 -20.74 22.62 -11.83
C MET A 266 -19.71 23.45 -12.59
N GLY A 267 -19.86 23.55 -13.91
CA GLY A 267 -18.89 24.24 -14.77
C GLY A 267 -18.48 25.64 -14.38
N ASN A 268 -19.37 26.42 -13.77
CA ASN A 268 -19.09 27.81 -13.40
C ASN A 268 -18.57 28.03 -11.95
N MET A 269 -18.21 26.95 -11.25
CA MET A 269 -17.63 27.04 -9.91
C MET A 269 -16.16 27.47 -10.01
N THR A 270 -15.95 28.77 -10.23
CA THR A 270 -14.63 29.31 -10.54
C THR A 270 -13.60 29.24 -9.41
N THR A 271 -14.09 29.22 -8.15
CA THR A 271 -13.21 29.15 -6.97
C THR A 271 -12.72 27.74 -6.61
N LEU A 272 -13.33 26.70 -7.21
CA LEU A 272 -13.07 25.31 -6.83
C LEU A 272 -11.68 24.82 -7.19
N LYS A 273 -10.91 24.43 -6.18
CA LYS A 273 -9.56 23.88 -6.37
C LYS A 273 -9.54 22.35 -6.40
N ARG A 274 -10.30 21.71 -5.52
CA ARG A 274 -10.18 20.28 -5.28
C ARG A 274 -11.54 19.65 -5.16
N PHE A 275 -11.86 18.75 -6.10
CA PHE A 275 -13.13 18.04 -6.09
C PHE A 275 -12.86 16.55 -6.16
N ASP A 276 -13.43 15.79 -5.23
CA ASP A 276 -13.28 14.31 -5.18
C ASP A 276 -14.59 13.69 -4.78
N ALA A 277 -15.23 13.05 -5.76
CA ALA A 277 -16.43 12.24 -5.53
C ALA A 277 -16.18 10.82 -6.00
N SER A 278 -14.94 10.38 -5.92
CA SER A 278 -14.58 8.99 -6.22
C SER A 278 -15.30 7.99 -5.33
N MET A 279 -15.36 6.76 -5.81
CA MET A 279 -15.85 5.64 -5.00
C MET A 279 -17.27 5.89 -4.50
N ASN A 280 -18.13 6.17 -5.46
CA ASN A 280 -19.56 6.37 -5.24
C ASN A 280 -20.30 5.49 -6.25
N LYS A 281 -21.56 5.81 -6.57
CA LYS A 281 -22.29 5.10 -7.62
C LYS A 281 -22.76 6.06 -8.71
N LEU A 282 -21.93 7.06 -9.02
CA LEU A 282 -22.29 8.10 -10.00
C LEU A 282 -22.41 7.58 -11.43
N THR A 283 -23.47 8.01 -12.11
CA THR A 283 -23.77 7.66 -13.51
C THR A 283 -23.84 8.94 -14.37
N GLY A 284 -24.14 8.81 -15.65
CA GLY A 284 -24.22 9.94 -16.56
C GLY A 284 -22.85 10.46 -17.00
N LYS A 285 -22.83 11.69 -17.49
CA LYS A 285 -21.63 12.28 -18.09
C LYS A 285 -20.92 13.23 -17.15
N ILE A 286 -19.63 13.44 -17.38
CA ILE A 286 -18.91 14.56 -16.77
C ILE A 286 -19.49 15.86 -17.37
N PRO A 287 -19.93 16.80 -16.51
CA PRO A 287 -20.49 18.05 -17.04
C PRO A 287 -19.56 18.74 -18.02
N ASP A 288 -20.14 19.32 -19.08
CA ASP A 288 -19.36 19.98 -20.13
C ASP A 288 -19.41 21.50 -19.90
N ASN A 289 -18.90 22.28 -20.86
CA ASN A 289 -18.84 23.75 -20.75
C ASN A 289 -18.22 24.16 -19.42
N LEU A 290 -17.12 23.50 -19.07
CA LEU A 290 -16.44 23.72 -17.80
C LEU A 290 -15.67 25.03 -17.84
N ASN A 291 -15.64 25.71 -16.70
CA ASN A 291 -14.91 26.94 -16.57
C ASN A 291 -14.29 27.00 -15.17
N LEU A 292 -13.55 25.94 -14.85
CA LEU A 292 -13.00 25.73 -13.54
C LEU A 292 -11.58 26.28 -13.51
N LEU A 293 -11.51 27.62 -13.45
CA LEU A 293 -10.27 28.36 -13.57
C LEU A 293 -9.24 27.99 -12.51
N ASN A 294 -9.68 27.66 -11.30
CA ASN A 294 -8.77 27.37 -10.18
C ASN A 294 -8.59 25.89 -9.81
N LEU A 295 -9.06 24.99 -10.69
CA LEU A 295 -9.07 23.56 -10.40
C LEU A 295 -7.66 22.99 -10.38
N GLU A 296 -7.26 22.46 -9.22
CA GLU A 296 -6.02 21.72 -9.06
C GLU A 296 -6.22 20.20 -9.11
N SER A 297 -7.33 19.71 -8.58
CA SER A 297 -7.56 18.27 -8.48
C SER A 297 -9.00 17.86 -8.77
N LEU A 298 -9.16 16.96 -9.73
CA LEU A 298 -10.45 16.34 -10.05
C LEU A 298 -10.30 14.81 -9.97
N ASN A 299 -10.94 14.22 -8.96
CA ASN A 299 -10.96 12.77 -8.77
C ASN A 299 -12.39 12.29 -8.87
N LEU A 300 -12.68 11.43 -9.84
CA LEU A 300 -14.01 10.81 -10.00
C LEU A 300 -13.88 9.30 -10.29
N PHE A 301 -12.78 8.71 -9.82
CA PHE A 301 -12.48 7.30 -10.08
C PHE A 301 -13.44 6.36 -9.35
N GLU A 302 -13.56 5.14 -9.88
CA GLU A 302 -14.47 4.12 -9.32
C GLU A 302 -15.91 4.58 -9.16
N ASN A 303 -16.51 4.95 -10.27
CA ASN A 303 -17.93 5.27 -10.39
C ASN A 303 -18.38 4.55 -11.64
N MET A 304 -19.57 4.87 -12.17
CA MET A 304 -20.00 4.34 -13.47
C MET A 304 -20.26 5.47 -14.47
N LEU A 305 -19.35 6.45 -14.50
CA LEU A 305 -19.44 7.59 -15.42
C LEU A 305 -19.24 7.17 -16.87
N GLU A 306 -20.06 7.72 -17.76
CA GLU A 306 -20.01 7.41 -19.19
C GLU A 306 -19.80 8.70 -20.00
N GLY A 307 -19.54 8.55 -21.29
CA GLY A 307 -19.28 9.68 -22.17
C GLY A 307 -17.86 10.22 -22.08
N PRO A 308 -17.58 11.33 -22.77
CA PRO A 308 -16.22 11.78 -22.95
C PRO A 308 -15.68 12.67 -21.83
N LEU A 309 -14.39 13.00 -21.93
CA LEU A 309 -13.76 14.05 -21.15
C LEU A 309 -13.88 15.33 -22.00
N PRO A 310 -14.69 16.31 -21.55
CA PRO A 310 -14.88 17.50 -22.40
C PRO A 310 -13.62 18.34 -22.58
N GLU A 311 -13.46 18.93 -23.78
CA GLU A 311 -12.32 19.82 -24.09
C GLU A 311 -12.11 20.90 -23.05
N SER A 312 -13.21 21.47 -22.56
CA SER A 312 -13.16 22.60 -21.64
C SER A 312 -12.38 22.37 -20.34
N ILE A 313 -11.99 21.12 -20.06
CA ILE A 313 -11.02 20.82 -18.99
C ILE A 313 -9.68 21.54 -19.18
N THR A 314 -9.33 21.82 -20.43
CA THR A 314 -8.09 22.56 -20.74
C THR A 314 -8.11 24.03 -20.31
N ARG A 315 -9.29 24.59 -20.06
CA ARG A 315 -9.43 25.92 -19.45
C ARG A 315 -8.93 25.95 -17.99
N SER A 316 -8.85 24.79 -17.34
CA SER A 316 -8.25 24.67 -16.00
C SER A 316 -6.72 24.62 -16.11
N LYS A 317 -6.12 25.79 -16.10
CA LYS A 317 -4.69 25.94 -16.35
C LYS A 317 -3.80 25.69 -15.12
N THR A 318 -4.40 25.42 -13.96
CA THR A 318 -3.63 25.03 -12.77
C THR A 318 -3.87 23.55 -12.35
N LEU A 319 -4.45 22.76 -13.26
CA LEU A 319 -4.82 21.37 -12.99
C LEU A 319 -3.57 20.49 -12.89
N SER A 320 -3.38 19.87 -11.73
CA SER A 320 -2.25 18.96 -11.47
C SER A 320 -2.64 17.49 -11.33
N GLU A 321 -3.85 17.20 -10.82
CA GLU A 321 -4.30 15.83 -10.58
C GLU A 321 -5.60 15.54 -11.30
N LEU A 322 -5.61 14.48 -12.11
CA LEU A 322 -6.80 14.07 -12.84
C LEU A 322 -6.91 12.54 -12.78
N LYS A 323 -7.81 12.03 -11.93
CA LYS A 323 -7.94 10.58 -11.72
C LYS A 323 -9.37 10.15 -11.97
N LEU A 324 -9.61 9.58 -13.15
CA LEU A 324 -10.92 9.15 -13.60
C LEU A 324 -10.99 7.64 -13.82
N PHE A 325 -10.04 6.90 -13.25
CA PHE A 325 -9.92 5.47 -13.51
C PHE A 325 -11.13 4.68 -13.05
N ASN A 326 -11.34 3.53 -13.68
CA ASN A 326 -12.46 2.63 -13.37
C ASN A 326 -13.81 3.31 -13.53
N ASN A 327 -14.09 3.70 -14.76
CA ASN A 327 -15.41 4.21 -15.16
C ASN A 327 -15.74 3.61 -16.55
N ARG A 328 -16.77 4.14 -17.21
CA ARG A 328 -17.14 3.72 -18.56
C ARG A 328 -16.93 4.86 -19.56
N LEU A 329 -15.85 5.61 -19.39
CA LEU A 329 -15.57 6.79 -20.19
C LEU A 329 -15.08 6.38 -21.59
N THR A 330 -15.52 7.14 -22.60
CA THR A 330 -15.27 6.82 -24.01
C THR A 330 -14.70 8.01 -24.77
N GLY A 331 -14.32 7.77 -26.02
CA GLY A 331 -13.86 8.81 -26.92
C GLY A 331 -12.41 9.23 -26.74
N VAL A 332 -12.06 10.26 -27.47
CA VAL A 332 -10.70 10.78 -27.58
C VAL A 332 -10.52 11.75 -26.42
N LEU A 333 -9.30 11.84 -25.91
CA LEU A 333 -8.95 12.86 -24.92
C LEU A 333 -8.75 14.19 -25.62
N PRO A 334 -8.93 15.31 -24.90
CA PRO A 334 -8.59 16.61 -25.47
C PRO A 334 -7.16 16.61 -25.97
N SER A 335 -6.97 16.98 -27.24
CA SER A 335 -5.64 16.96 -27.86
C SER A 335 -4.62 17.90 -27.17
N GLN A 336 -5.13 18.94 -26.51
CA GLN A 336 -4.29 19.94 -25.84
C GLN A 336 -4.15 19.74 -24.32
N LEU A 337 -4.66 18.63 -23.80
CA LEU A 337 -4.57 18.31 -22.37
C LEU A 337 -3.11 18.28 -21.92
N GLY A 338 -2.79 19.04 -20.86
CA GLY A 338 -1.44 19.14 -20.36
C GLY A 338 -0.53 20.16 -21.03
N ALA A 339 -0.98 20.78 -22.12
CA ALA A 339 -0.19 21.77 -22.83
C ALA A 339 0.03 23.00 -21.97
N ASN A 340 -1.06 23.49 -21.37
CA ASN A 340 -1.03 24.73 -20.57
C ASN A 340 -1.52 24.49 -19.15
N SER A 341 -1.13 23.37 -18.56
CA SER A 341 -1.38 23.12 -17.13
C SER A 341 -0.27 22.26 -16.55
N PRO A 342 0.00 22.39 -15.23
CA PRO A 342 1.08 21.62 -14.64
C PRO A 342 0.62 20.21 -14.22
N LEU A 343 0.29 19.38 -15.21
CA LEU A 343 -0.20 18.02 -14.94
C LEU A 343 0.86 17.20 -14.25
N GLN A 344 0.46 16.57 -13.16
CA GLN A 344 1.38 15.88 -12.27
C GLN A 344 0.99 14.40 -12.14
N TYR A 345 -0.25 14.13 -11.72
CA TYR A 345 -0.75 12.77 -11.58
C TYR A 345 -1.94 12.55 -12.53
N VAL A 346 -1.76 11.70 -13.52
CA VAL A 346 -2.85 11.34 -14.44
C VAL A 346 -3.09 9.83 -14.40
N ASP A 347 -4.28 9.42 -13.96
CA ASP A 347 -4.69 8.01 -14.02
C ASP A 347 -6.08 7.86 -14.61
N LEU A 348 -6.15 7.36 -15.85
CA LEU A 348 -7.40 7.14 -16.58
C LEU A 348 -7.62 5.65 -16.87
N SER A 349 -7.00 4.79 -16.08
CA SER A 349 -7.01 3.34 -16.23
C SER A 349 -8.41 2.77 -16.25
N TYR A 350 -8.59 1.67 -16.96
CA TYR A 350 -9.84 0.94 -16.95
C TYR A 350 -11.04 1.80 -17.37
N ASN A 351 -10.90 2.41 -18.54
CA ASN A 351 -11.99 3.09 -19.22
C ASN A 351 -12.02 2.57 -20.66
N ARG A 352 -12.75 3.24 -21.54
CA ARG A 352 -12.81 2.88 -22.95
C ARG A 352 -12.34 4.05 -23.83
N PHE A 353 -11.28 4.74 -23.38
CA PHE A 353 -10.74 5.88 -24.14
C PHE A 353 -10.09 5.37 -25.44
N SER A 354 -10.28 6.10 -26.54
CA SER A 354 -9.67 5.77 -27.81
C SER A 354 -8.77 6.92 -28.29
N GLY A 355 -8.23 6.80 -29.49
CA GLY A 355 -7.43 7.83 -30.10
C GLY A 355 -6.02 7.96 -29.51
N GLU A 356 -5.38 9.06 -29.85
CA GLU A 356 -3.98 9.29 -29.56
C GLU A 356 -3.83 9.79 -28.13
N ILE A 357 -2.70 9.43 -27.51
CA ILE A 357 -2.30 10.07 -26.24
C ILE A 357 -1.94 11.51 -26.62
N PRO A 358 -2.51 12.51 -25.92
CA PRO A 358 -2.18 13.93 -26.19
C PRO A 358 -0.68 14.18 -26.25
N ALA A 359 -0.25 14.84 -27.31
CA ALA A 359 1.17 14.99 -27.63
C ALA A 359 1.98 15.86 -26.64
N ASN A 360 1.32 16.83 -25.99
CA ASN A 360 1.99 17.71 -25.02
C ASN A 360 1.42 17.52 -23.63
N VAL A 361 1.07 16.29 -23.29
CA VAL A 361 0.53 15.96 -21.98
C VAL A 361 1.49 16.35 -20.84
N CYS A 362 2.79 16.30 -21.10
CA CYS A 362 3.83 16.81 -20.21
C CYS A 362 4.32 18.19 -20.67
N GLY A 363 3.40 19.05 -21.08
CA GLY A 363 3.76 20.35 -21.65
C GLY A 363 4.59 21.24 -20.72
N GLU A 364 4.31 21.16 -19.41
CA GLU A 364 4.98 22.01 -18.42
C GLU A 364 6.07 21.30 -17.61
N GLY A 365 6.44 20.09 -17.99
CA GLY A 365 7.54 19.35 -17.34
C GLY A 365 7.34 18.92 -15.89
N LYS A 366 6.09 18.68 -15.52
CA LYS A 366 5.74 18.27 -14.15
C LYS A 366 5.14 16.86 -14.05
N LEU A 367 4.90 16.19 -15.18
CA LEU A 367 4.17 14.92 -15.17
C LEU A 367 4.98 13.80 -14.50
N GLU A 368 4.42 13.24 -13.43
CA GLU A 368 5.04 12.14 -12.69
C GLU A 368 4.35 10.80 -12.96
N TYR A 369 3.02 10.76 -12.87
CA TYR A 369 2.27 9.53 -13.17
C TYR A 369 1.54 9.68 -14.49
N LEU A 370 1.78 8.76 -15.41
CA LEU A 370 0.98 8.62 -16.63
C LEU A 370 0.50 7.18 -16.66
N ILE A 371 -0.76 6.98 -16.32
CA ILE A 371 -1.30 5.68 -16.07
C ILE A 371 -2.58 5.55 -16.87
N LEU A 372 -2.53 4.73 -17.92
CA LEU A 372 -3.59 4.64 -18.91
C LEU A 372 -3.98 3.19 -19.19
N ILE A 373 -3.89 2.33 -18.18
CA ILE A 373 -4.11 0.89 -18.32
C ILE A 373 -5.48 0.58 -18.88
N ASP A 374 -5.54 -0.37 -19.82
CA ASP A 374 -6.82 -0.99 -20.22
C ASP A 374 -7.78 0.01 -20.84
N ASN A 375 -7.31 0.71 -21.86
CA ASN A 375 -8.17 1.56 -22.69
C ASN A 375 -7.99 1.08 -24.11
N SER A 376 -8.32 1.90 -25.10
CA SER A 376 -8.06 1.57 -26.50
C SER A 376 -7.25 2.65 -27.17
N PHE A 377 -6.28 3.22 -26.43
CA PHE A 377 -5.39 4.24 -26.98
C PHE A 377 -4.59 3.66 -28.13
N SER A 378 -4.64 4.31 -29.28
CA SER A 378 -3.95 3.87 -30.49
C SER A 378 -2.87 4.88 -30.88
N GLY A 379 -2.12 4.57 -31.92
CA GLY A 379 -1.03 5.42 -32.39
C GLY A 379 0.23 5.25 -31.56
N GLU A 380 1.00 6.33 -31.44
CA GLU A 380 2.36 6.27 -30.91
C GLU A 380 2.56 7.18 -29.72
N ILE A 381 3.66 6.95 -29.02
CA ILE A 381 4.15 7.82 -27.96
C ILE A 381 4.93 8.92 -28.68
N SER A 382 4.58 10.18 -28.41
CA SER A 382 5.19 11.31 -29.11
C SER A 382 6.63 11.55 -28.65
N ASN A 383 7.37 12.26 -29.50
CA ASN A 383 8.74 12.70 -29.20
C ASN A 383 8.84 13.56 -27.95
N ASN A 384 7.80 14.33 -27.66
CA ASN A 384 7.83 15.32 -26.58
C ASN A 384 7.75 14.67 -25.19
N LEU A 385 7.16 13.47 -25.10
CA LEU A 385 7.20 12.66 -23.87
C LEU A 385 8.61 12.15 -23.54
N GLY A 386 9.48 12.05 -24.54
CA GLY A 386 10.90 11.76 -24.31
C GLY A 386 11.63 12.84 -23.54
N LYS A 387 11.10 14.07 -23.59
CA LYS A 387 11.66 15.23 -22.87
C LYS A 387 11.08 15.37 -21.46
N CYS A 388 10.19 14.47 -21.05
CA CYS A 388 9.46 14.59 -19.79
C CYS A 388 10.23 13.96 -18.64
N LYS A 389 11.26 14.69 -18.18
CA LYS A 389 12.22 14.16 -17.22
C LYS A 389 11.69 14.04 -15.77
N SER A 390 10.49 14.53 -15.51
CA SER A 390 9.81 14.37 -14.22
C SER A 390 9.08 13.02 -14.03
N LEU A 391 8.92 12.22 -15.08
CA LEU A 391 8.16 10.94 -15.00
C LEU A 391 8.82 9.88 -14.13
N THR A 392 8.03 9.32 -13.22
CA THR A 392 8.45 8.23 -12.33
C THR A 392 7.67 6.93 -12.56
N ARG A 393 6.40 7.02 -12.89
CA ARG A 393 5.53 5.86 -13.05
C ARG A 393 4.74 5.94 -14.35
N VAL A 394 5.12 5.11 -15.32
CA VAL A 394 4.43 5.03 -16.60
C VAL A 394 3.81 3.64 -16.76
N ARG A 395 2.49 3.58 -16.93
CA ARG A 395 1.79 2.33 -17.21
C ARG A 395 0.81 2.50 -18.39
N LEU A 396 1.22 1.98 -19.54
CA LEU A 396 0.47 2.07 -20.78
C LEU A 396 -0.09 0.74 -21.24
N SER A 397 -0.08 -0.27 -20.37
CA SER A 397 -0.33 -1.63 -20.82
C SER A 397 -1.79 -1.92 -21.17
N ASN A 398 -1.96 -2.90 -22.04
CA ASN A 398 -3.28 -3.32 -22.58
CA ASN A 398 -3.27 -3.32 -22.57
C ASN A 398 -3.98 -2.18 -23.30
N ASN A 399 -3.33 -1.65 -24.32
CA ASN A 399 -3.91 -0.64 -25.22
C ASN A 399 -3.70 -1.11 -26.67
N LYS A 400 -3.94 -0.22 -27.65
CA LYS A 400 -3.67 -0.52 -29.06
C LYS A 400 -2.48 0.29 -29.56
N LEU A 401 -1.53 0.59 -28.70
CA LEU A 401 -0.41 1.48 -29.05
C LEU A 401 0.58 0.76 -29.94
N SER A 402 1.23 1.49 -30.82
CA SER A 402 2.11 0.90 -31.82
C SER A 402 3.30 1.78 -32.16
N GLY A 403 4.10 1.34 -33.12
CA GLY A 403 5.24 2.10 -33.61
C GLY A 403 6.43 1.99 -32.67
N GLN A 404 7.48 2.72 -33.00
CA GLN A 404 8.70 2.69 -32.22
C GLN A 404 8.61 3.67 -31.05
N ILE A 405 9.20 3.30 -29.91
CA ILE A 405 9.27 4.18 -28.74
C ILE A 405 10.40 5.18 -29.03
N PRO A 406 10.18 6.49 -28.78
CA PRO A 406 11.27 7.48 -28.92
C PRO A 406 12.45 7.21 -27.99
N HIS A 407 13.65 7.49 -28.49
CA HIS A 407 14.91 7.07 -27.84
C HIS A 407 15.09 7.70 -26.46
N GLY A 408 14.73 8.97 -26.33
CA GLY A 408 14.83 9.69 -25.07
C GLY A 408 13.92 9.18 -23.97
N PHE A 409 12.81 8.56 -24.35
CA PHE A 409 11.84 7.98 -23.40
C PHE A 409 12.43 6.85 -22.54
N TRP A 410 13.22 6.00 -23.17
CA TRP A 410 13.92 4.92 -22.47
C TRP A 410 14.94 5.40 -21.43
N GLY A 411 15.53 6.57 -21.67
CA GLY A 411 16.57 7.11 -20.78
C GLY A 411 16.12 8.16 -19.77
N LEU A 412 14.83 8.19 -19.42
CA LEU A 412 14.30 9.20 -18.50
C LEU A 412 14.85 8.94 -17.10
N PRO A 413 15.43 9.98 -16.46
CA PRO A 413 16.28 9.81 -15.29
C PRO A 413 15.61 9.44 -13.96
N ARG A 414 14.32 9.69 -13.83
CA ARG A 414 13.56 9.34 -12.62
C ARG A 414 12.55 8.20 -12.82
N LEU A 415 12.42 7.72 -14.05
CA LEU A 415 11.44 6.70 -14.41
C LEU A 415 11.75 5.43 -13.63
N SER A 416 10.79 4.99 -12.83
CA SER A 416 10.96 3.86 -11.89
C SER A 416 10.25 2.61 -12.42
N LEU A 417 8.96 2.75 -12.72
CA LEU A 417 8.16 1.70 -13.34
C LEU A 417 7.86 2.11 -14.78
N LEU A 418 8.30 1.29 -15.72
CA LEU A 418 8.01 1.47 -17.13
C LEU A 418 7.28 0.21 -17.61
N GLU A 419 5.98 0.35 -17.81
CA GLU A 419 5.14 -0.77 -18.18
C GLU A 419 4.46 -0.43 -19.51
N LEU A 420 4.95 -1.07 -20.56
CA LEU A 420 4.47 -0.89 -21.92
C LEU A 420 3.80 -2.16 -22.45
N SER A 421 3.43 -3.08 -21.56
CA SER A 421 3.16 -4.45 -21.98
C SER A 421 1.82 -4.61 -22.70
N ASP A 422 1.73 -5.59 -23.59
CA ASP A 422 0.50 -5.89 -24.30
C ASP A 422 0.02 -4.73 -25.22
N ASN A 423 0.87 -4.38 -26.18
CA ASN A 423 0.58 -3.41 -27.22
C ASN A 423 1.12 -3.97 -28.56
N SER A 424 1.43 -3.11 -29.53
CA SER A 424 2.13 -3.54 -30.75
C SER A 424 3.34 -2.65 -31.02
N PHE A 425 4.14 -2.44 -29.98
CA PHE A 425 5.36 -1.66 -30.11
C PHE A 425 6.42 -2.44 -30.89
N THR A 426 7.14 -1.72 -31.75
CA THR A 426 8.18 -2.29 -32.61
C THR A 426 9.53 -1.64 -32.31
N GLY A 427 10.56 -2.10 -32.99
CA GLY A 427 11.91 -1.56 -32.88
C GLY A 427 12.72 -2.24 -31.81
N SER A 428 13.98 -1.82 -31.67
CA SER A 428 14.87 -2.34 -30.66
C SER A 428 14.99 -1.37 -29.49
N ILE A 429 15.40 -1.89 -28.34
CA ILE A 429 15.62 -1.07 -27.16
C ILE A 429 16.97 -0.39 -27.35
N PRO A 430 16.98 0.96 -27.38
CA PRO A 430 18.20 1.67 -27.74
C PRO A 430 19.23 1.78 -26.61
N LYS A 431 20.43 2.23 -26.98
CA LYS A 431 21.57 2.39 -26.05
C LYS A 431 21.26 3.45 -24.98
N THR A 432 20.39 4.42 -25.30
CA THR A 432 20.06 5.55 -24.42
C THR A 432 19.39 5.16 -23.08
N ILE A 433 18.99 3.91 -22.95
CA ILE A 433 18.50 3.38 -21.67
C ILE A 433 19.51 3.43 -20.50
N ILE A 434 20.80 3.70 -20.76
CA ILE A 434 21.77 4.03 -19.68
C ILE A 434 21.25 5.13 -18.75
N GLY A 435 20.53 6.09 -19.31
CA GLY A 435 19.98 7.21 -18.56
C GLY A 435 19.02 6.90 -17.44
N ALA A 436 18.30 5.77 -17.54
CA ALA A 436 17.23 5.42 -16.58
C ALA A 436 17.77 4.80 -15.29
N LYS A 437 18.44 5.64 -14.50
CA LYS A 437 19.21 5.21 -13.33
C LYS A 437 18.34 4.83 -12.11
N ASN A 438 17.07 5.25 -12.11
CA ASN A 438 16.10 4.85 -11.07
C ASN A 438 15.15 3.72 -11.52
N LEU A 439 15.33 3.19 -12.73
CA LEU A 439 14.45 2.14 -13.26
C LEU A 439 14.58 0.86 -12.44
N SER A 440 13.48 0.41 -11.87
CA SER A 440 13.47 -0.80 -11.04
C SER A 440 12.52 -1.89 -11.56
N ASN A 441 11.66 -1.55 -12.50
CA ASN A 441 10.60 -2.45 -12.94
C ASN A 441 10.30 -2.20 -14.41
N LEU A 442 10.86 -3.05 -15.27
CA LEU A 442 10.67 -2.93 -16.72
C LEU A 442 9.71 -4.02 -17.21
N ARG A 443 8.55 -3.60 -17.68
CA ARG A 443 7.50 -4.51 -18.16
C ARG A 443 7.14 -4.22 -19.59
N ILE A 444 7.65 -5.05 -20.51
CA ILE A 444 7.49 -4.81 -21.94
C ILE A 444 7.03 -6.10 -22.66
N SER A 445 6.37 -6.99 -21.93
CA SER A 445 5.89 -8.25 -22.50
C SER A 445 4.81 -8.04 -23.56
N LYS A 446 4.63 -9.04 -24.41
CA LYS A 446 3.56 -9.05 -25.41
C LYS A 446 3.61 -7.81 -26.30
N ASN A 447 4.73 -7.67 -27.02
CA ASN A 447 4.90 -6.58 -27.98
C ASN A 447 5.60 -7.15 -29.23
N ARG A 448 6.20 -6.31 -30.05
CA ARG A 448 6.96 -6.77 -31.20
C ARG A 448 8.34 -6.15 -31.20
N PHE A 449 8.92 -6.00 -30.00
CA PHE A 449 10.29 -5.51 -29.85
C PHE A 449 11.28 -6.48 -30.46
N SER A 450 12.34 -5.95 -31.08
CA SER A 450 13.26 -6.74 -31.88
C SER A 450 14.72 -6.37 -31.59
N GLY A 451 15.66 -7.02 -32.29
CA GLY A 451 17.08 -6.78 -32.07
C GLY A 451 17.58 -7.39 -30.77
N SER A 452 18.83 -7.08 -30.43
CA SER A 452 19.45 -7.57 -29.20
C SER A 452 18.95 -6.79 -28.00
N ILE A 453 18.88 -7.47 -26.86
CA ILE A 453 18.72 -6.80 -25.57
C ILE A 453 20.03 -6.01 -25.43
N PRO A 454 19.98 -4.67 -25.33
CA PRO A 454 21.23 -3.91 -25.28
C PRO A 454 22.01 -4.14 -23.98
N ASN A 455 23.34 -4.17 -24.08
CA ASN A 455 24.21 -4.41 -22.92
C ASN A 455 24.11 -3.33 -21.83
N GLU A 456 23.56 -2.17 -22.19
CA GLU A 456 23.41 -1.04 -21.28
C GLU A 456 22.38 -1.24 -20.14
N ILE A 457 21.48 -2.23 -20.29
CA ILE A 457 20.56 -2.59 -19.20
C ILE A 457 21.33 -3.14 -17.98
N GLY A 458 22.45 -3.81 -18.24
CA GLY A 458 23.28 -4.36 -17.17
C GLY A 458 23.99 -3.36 -16.29
N SER A 459 24.06 -2.10 -16.73
CA SER A 459 24.67 -1.04 -15.92
C SER A 459 23.65 -0.30 -15.04
N LEU A 460 22.39 -0.74 -15.04
CA LEU A 460 21.33 -0.17 -14.20
C LEU A 460 21.18 -0.97 -12.90
N ASN A 461 22.05 -0.67 -11.94
CA ASN A 461 22.19 -1.42 -10.67
C ASN A 461 20.90 -1.67 -9.89
N GLY A 462 19.94 -0.75 -9.96
CA GLY A 462 18.71 -0.82 -9.17
C GLY A 462 17.53 -1.56 -9.78
N ILE A 463 17.74 -2.26 -10.90
CA ILE A 463 16.66 -3.03 -11.53
C ILE A 463 16.36 -4.29 -10.70
N ILE A 464 15.06 -4.52 -10.48
CA ILE A 464 14.54 -5.62 -9.70
C ILE A 464 13.73 -6.61 -10.56
N GLU A 465 12.98 -6.13 -11.54
CA GLU A 465 12.25 -6.98 -12.48
C GLU A 465 12.51 -6.56 -13.94
N ILE A 466 12.77 -7.54 -14.80
CA ILE A 466 12.76 -7.38 -16.24
C ILE A 466 11.81 -8.44 -16.79
N SER A 467 10.77 -7.99 -17.48
CA SER A 467 9.73 -8.88 -17.97
C SER A 467 9.45 -8.49 -19.43
N GLY A 468 10.04 -9.25 -20.35
CA GLY A 468 9.95 -8.98 -21.78
C GLY A 468 9.62 -10.20 -22.60
N ALA A 469 8.73 -11.04 -22.07
CA ALA A 469 8.28 -12.25 -22.81
C ALA A 469 7.41 -11.90 -24.01
N GLU A 470 7.29 -12.82 -24.96
CA GLU A 470 6.40 -12.66 -26.13
C GLU A 470 6.74 -11.40 -26.94
N ASN A 471 7.99 -11.38 -27.41
CA ASN A 471 8.53 -10.35 -28.27
C ASN A 471 9.31 -11.03 -29.42
N ASP A 472 10.12 -10.26 -30.16
CA ASP A 472 11.01 -10.80 -31.17
C ASP A 472 12.47 -10.47 -30.90
N PHE A 473 12.87 -10.49 -29.62
CA PHE A 473 14.26 -10.26 -29.24
C PHE A 473 15.12 -11.38 -29.78
N SER A 474 16.28 -11.01 -30.31
CA SER A 474 17.24 -11.97 -30.89
C SER A 474 18.62 -11.71 -30.31
N GLY A 475 19.62 -12.45 -30.78
CA GLY A 475 20.98 -12.34 -30.30
C GLY A 475 21.14 -13.03 -28.95
N GLU A 476 22.27 -12.75 -28.31
CA GLU A 476 22.61 -13.34 -27.03
C GLU A 476 21.99 -12.58 -25.88
N ILE A 477 21.92 -13.24 -24.73
CA ILE A 477 21.63 -12.58 -23.46
C ILE A 477 22.91 -11.84 -23.08
N PRO A 478 22.84 -10.51 -22.89
CA PRO A 478 24.02 -9.75 -22.46
C PRO A 478 24.67 -10.29 -21.18
N GLU A 479 25.99 -10.39 -21.18
CA GLU A 479 26.75 -10.85 -20.00
C GLU A 479 26.58 -9.89 -18.82
N SER A 480 26.32 -8.62 -19.13
CA SER A 480 26.13 -7.57 -18.13
C SER A 480 24.85 -7.73 -17.31
N LEU A 481 23.87 -8.50 -17.77
CA LEU A 481 22.68 -8.82 -16.97
C LEU A 481 23.01 -9.57 -15.67
N VAL A 482 24.12 -10.28 -15.66
CA VAL A 482 24.61 -10.94 -14.44
C VAL A 482 25.16 -9.95 -13.41
N LYS A 483 25.54 -8.75 -13.83
CA LYS A 483 26.02 -7.70 -12.88
C LYS A 483 24.90 -7.11 -12.01
N LEU A 484 23.64 -7.37 -12.37
CA LEU A 484 22.46 -6.86 -11.65
C LEU A 484 22.22 -7.62 -10.34
N LYS A 485 22.75 -7.08 -9.24
CA LYS A 485 22.72 -7.76 -7.94
C LYS A 485 21.34 -7.84 -7.30
N GLN A 486 20.43 -6.94 -7.67
CA GLN A 486 19.08 -6.86 -7.08
C GLN A 486 17.97 -7.39 -7.98
N LEU A 487 18.32 -7.97 -9.12
CA LEU A 487 17.34 -8.56 -10.04
C LEU A 487 16.72 -9.81 -9.42
N SER A 488 15.40 -9.78 -9.21
CA SER A 488 14.67 -10.90 -8.63
C SER A 488 13.80 -11.69 -9.63
N ARG A 489 13.40 -11.07 -10.74
CA ARG A 489 12.71 -11.75 -11.82
C ARG A 489 13.33 -11.41 -13.18
N LEU A 490 13.62 -12.42 -13.99
CA LEU A 490 13.97 -12.25 -15.39
C LEU A 490 13.11 -13.20 -16.18
N ASP A 491 12.17 -12.63 -16.94
CA ASP A 491 11.32 -13.38 -17.86
C ASP A 491 11.55 -12.85 -19.29
N LEU A 492 12.38 -13.57 -20.03
CA LEU A 492 12.63 -13.29 -21.45
C LEU A 492 12.12 -14.45 -22.32
N SER A 493 11.02 -15.08 -21.90
CA SER A 493 10.53 -16.30 -22.53
C SER A 493 9.77 -15.97 -23.80
N LYS A 494 9.72 -16.91 -24.73
CA LYS A 494 8.91 -16.79 -25.94
C LYS A 494 9.47 -15.65 -26.83
N ASN A 495 10.72 -15.82 -27.23
CA ASN A 495 11.47 -14.88 -28.04
C ASN A 495 12.30 -15.67 -29.08
N GLN A 496 13.19 -14.99 -29.80
CA GLN A 496 14.12 -15.60 -30.75
C GLN A 496 15.58 -15.60 -30.28
N LEU A 497 15.83 -15.36 -28.99
CA LEU A 497 17.18 -15.37 -28.42
C LEU A 497 17.96 -16.64 -28.71
N SER A 498 19.26 -16.48 -28.92
CA SER A 498 20.15 -17.57 -29.32
C SER A 498 21.43 -17.56 -28.48
N GLY A 499 22.30 -18.54 -28.71
CA GLY A 499 23.56 -18.64 -28.00
C GLY A 499 23.35 -19.22 -26.62
N GLU A 500 24.33 -19.03 -25.74
CA GLU A 500 24.33 -19.66 -24.43
C GLU A 500 24.18 -18.63 -23.34
N ILE A 501 23.98 -19.11 -22.11
CA ILE A 501 23.85 -18.24 -20.94
C ILE A 501 25.17 -18.21 -20.16
N PRO A 502 25.56 -17.02 -19.63
CA PRO A 502 26.86 -16.88 -18.95
C PRO A 502 27.14 -17.94 -17.88
N ARG A 503 28.38 -18.43 -17.83
CA ARG A 503 28.78 -19.46 -16.86
C ARG A 503 28.94 -18.90 -15.45
N GLU A 504 29.39 -17.65 -15.33
CA GLU A 504 29.62 -17.03 -14.03
C GLU A 504 28.37 -16.26 -13.63
N LEU A 505 27.63 -16.80 -12.64
CA LEU A 505 26.31 -16.29 -12.25
C LEU A 505 26.18 -15.83 -10.79
N ARG A 506 27.26 -15.84 -10.01
CA ARG A 506 27.18 -15.46 -8.58
C ARG A 506 26.65 -14.05 -8.32
N GLY A 507 26.77 -13.16 -9.31
CA GLY A 507 26.13 -11.86 -9.26
C GLY A 507 24.63 -11.86 -9.04
N TRP A 508 23.92 -12.90 -9.51
CA TRP A 508 22.47 -13.01 -9.34
C TRP A 508 22.08 -13.56 -7.96
N LYS A 509 22.51 -12.87 -6.91
CA LYS A 509 22.28 -13.32 -5.53
C LYS A 509 20.82 -13.15 -5.05
N ASN A 510 20.05 -12.32 -5.76
CA ASN A 510 18.63 -12.09 -5.46
C ASN A 510 17.66 -12.71 -6.47
N LEU A 511 18.18 -13.42 -7.47
CA LEU A 511 17.33 -13.92 -8.55
C LEU A 511 16.47 -15.06 -8.06
N ASN A 512 15.19 -14.77 -8.01
CA ASN A 512 14.19 -15.69 -7.54
C ASN A 512 13.57 -16.48 -8.70
N GLU A 513 13.36 -15.82 -9.84
CA GLU A 513 12.74 -16.43 -11.01
C GLU A 513 13.60 -16.21 -12.27
N LEU A 514 13.83 -17.29 -13.01
CA LEU A 514 14.56 -17.27 -14.27
C LEU A 514 13.76 -18.04 -15.27
N ASN A 515 13.19 -17.32 -16.24
CA ASN A 515 12.38 -17.92 -17.27
C ASN A 515 12.90 -17.53 -18.66
N LEU A 516 13.54 -18.50 -19.30
CA LEU A 516 14.13 -18.34 -20.62
C LEU A 516 13.48 -19.28 -21.64
N ALA A 517 12.26 -19.73 -21.34
CA ALA A 517 11.62 -20.78 -22.14
C ALA A 517 11.20 -20.29 -23.53
N ASN A 518 11.05 -21.24 -24.46
CA ASN A 518 10.63 -20.95 -25.84
C ASN A 518 11.53 -19.91 -26.52
N ASN A 519 12.81 -20.27 -26.64
CA ASN A 519 13.83 -19.46 -27.30
C ASN A 519 14.64 -20.39 -28.21
N HIS A 520 15.77 -19.91 -28.75
CA HIS A 520 16.72 -20.78 -29.47
C HIS A 520 18.05 -20.91 -28.71
N LEU A 521 17.99 -20.95 -27.37
CA LEU A 521 19.19 -20.99 -26.54
C LEU A 521 19.88 -22.34 -26.58
N SER A 522 21.21 -22.32 -26.44
CA SER A 522 22.05 -23.51 -26.63
C SER A 522 23.17 -23.57 -25.59
N GLY A 523 23.97 -24.62 -25.65
CA GLY A 523 25.08 -24.83 -24.73
C GLY A 523 24.62 -25.60 -23.51
N GLU A 524 25.43 -25.54 -22.47
CA GLU A 524 25.16 -26.24 -21.23
C GLU A 524 24.33 -25.37 -20.33
N ILE A 525 23.56 -26.01 -19.45
CA ILE A 525 22.97 -25.29 -18.31
C ILE A 525 24.15 -25.09 -17.35
N PRO A 526 24.51 -23.84 -17.02
CA PRO A 526 25.68 -23.63 -16.16
C PRO A 526 25.54 -24.31 -14.80
N LYS A 527 26.66 -24.80 -14.28
CA LYS A 527 26.68 -25.44 -12.96
C LYS A 527 26.38 -24.44 -11.84
N GLU A 528 26.76 -23.18 -12.05
CA GLU A 528 26.52 -22.14 -11.06
C GLU A 528 25.04 -21.77 -10.85
N VAL A 529 24.15 -22.20 -11.76
CA VAL A 529 22.71 -22.07 -11.54
C VAL A 529 22.29 -22.74 -10.23
N GLY A 530 22.97 -23.81 -9.85
CA GLY A 530 22.72 -24.50 -8.59
C GLY A 530 23.16 -23.83 -7.30
N ILE A 531 23.91 -22.72 -7.38
CA ILE A 531 24.37 -21.99 -6.17
C ILE A 531 23.75 -20.61 -6.00
N LEU A 532 22.73 -20.29 -6.81
CA LEU A 532 21.99 -19.04 -6.69
C LEU A 532 21.11 -19.13 -5.43
N PRO A 533 21.33 -18.26 -4.41
CA PRO A 533 20.74 -18.44 -3.08
C PRO A 533 19.21 -18.51 -2.98
N VAL A 534 18.49 -17.79 -3.84
CA VAL A 534 17.02 -17.71 -3.72
C VAL A 534 16.28 -18.08 -5.01
N LEU A 535 16.89 -18.87 -5.87
CA LEU A 535 16.23 -19.28 -7.11
C LEU A 535 15.20 -20.37 -6.78
N ASN A 536 13.93 -20.09 -7.02
CA ASN A 536 12.85 -21.05 -6.80
C ASN A 536 12.02 -21.41 -8.05
N TYR A 537 12.21 -20.67 -9.15
CA TYR A 537 11.44 -20.93 -10.39
C TYR A 537 12.39 -20.91 -11.56
N LEU A 538 12.59 -22.05 -12.19
CA LEU A 538 13.58 -22.20 -13.25
C LEU A 538 12.86 -22.85 -14.42
N ASP A 539 12.62 -22.05 -15.47
CA ASP A 539 12.03 -22.56 -16.71
C ASP A 539 13.00 -22.31 -17.86
N LEU A 540 13.66 -23.38 -18.30
CA LEU A 540 14.56 -23.36 -19.47
C LEU A 540 14.04 -24.27 -20.59
N SER A 541 12.73 -24.50 -20.61
CA SER A 541 12.10 -25.43 -21.50
C SER A 541 11.98 -24.89 -22.92
N SER A 542 11.73 -25.80 -23.87
CA SER A 542 11.59 -25.49 -25.28
C SER A 542 12.76 -24.65 -25.80
N ASN A 543 13.96 -25.23 -25.68
CA ASN A 543 15.20 -24.61 -26.18
C ASN A 543 16.07 -25.69 -26.85
N GLN A 544 17.35 -25.41 -27.05
CA GLN A 544 18.30 -26.39 -27.57
C GLN A 544 19.46 -26.65 -26.58
N PHE A 545 19.16 -26.66 -25.28
CA PHE A 545 20.17 -26.92 -24.25
C PHE A 545 20.64 -28.37 -24.33
N SER A 546 21.96 -28.56 -24.32
CA SER A 546 22.59 -29.89 -24.43
C SER A 546 23.50 -30.15 -23.23
N GLY A 547 24.09 -31.35 -23.19
CA GLY A 547 24.96 -31.76 -22.10
C GLY A 547 24.16 -32.36 -20.96
N GLU A 548 24.83 -32.55 -19.82
CA GLU A 548 24.21 -33.14 -18.64
C GLU A 548 23.50 -32.07 -17.81
N ILE A 549 22.39 -32.47 -17.18
CA ILE A 549 21.73 -31.66 -16.15
C ILE A 549 22.70 -31.61 -14.99
N PRO A 550 23.15 -30.40 -14.60
CA PRO A 550 24.14 -30.36 -13.51
C PRO A 550 23.62 -30.96 -12.21
N LEU A 551 24.48 -31.66 -11.49
CA LEU A 551 24.17 -32.17 -10.15
C LEU A 551 23.93 -31.04 -9.15
N GLU A 552 24.47 -29.87 -9.43
CA GLU A 552 24.36 -28.71 -8.53
C GLU A 552 22.90 -28.25 -8.41
N LEU A 553 22.08 -28.49 -9.44
CA LEU A 553 20.65 -28.21 -9.34
C LEU A 553 19.92 -28.89 -8.19
N GLN A 554 20.47 -30.00 -7.67
CA GLN A 554 19.92 -30.66 -6.48
C GLN A 554 20.02 -29.82 -5.22
N ASN A 555 20.96 -28.89 -5.17
CA ASN A 555 21.06 -27.94 -4.05
C ASN A 555 19.88 -26.96 -3.98
N LEU A 556 19.24 -26.69 -5.12
CA LEU A 556 18.11 -25.76 -5.18
C LEU A 556 16.83 -26.36 -4.56
N LYS A 557 16.03 -25.48 -3.97
CA LYS A 557 14.72 -25.82 -3.43
C LYS A 557 13.68 -25.20 -4.38
N LEU A 558 13.56 -25.79 -5.56
CA LEU A 558 12.68 -25.28 -6.61
C LEU A 558 11.20 -25.62 -6.40
N ASN A 559 10.34 -24.73 -6.90
CA ASN A 559 8.89 -24.92 -6.96
C ASN A 559 8.44 -25.22 -8.37
N VAL A 560 9.03 -24.49 -9.32
CA VAL A 560 8.93 -24.77 -10.74
C VAL A 560 10.33 -25.15 -11.18
N LEU A 561 10.42 -26.32 -11.83
CA LEU A 561 11.62 -26.76 -12.55
C LEU A 561 11.13 -27.31 -13.86
N ASN A 562 11.57 -26.72 -14.97
CA ASN A 562 11.13 -27.16 -16.28
C ASN A 562 12.26 -27.08 -17.30
N LEU A 563 12.80 -28.25 -17.64
CA LEU A 563 13.83 -28.41 -18.67
C LEU A 563 13.30 -29.19 -19.89
N SER A 564 11.98 -29.20 -20.07
CA SER A 564 11.35 -30.00 -21.12
C SER A 564 11.67 -29.48 -22.52
N TYR A 565 11.72 -30.40 -23.49
CA TYR A 565 11.91 -30.04 -24.89
C TYR A 565 13.23 -29.31 -25.13
N ASN A 566 14.32 -29.96 -24.74
CA ASN A 566 15.67 -29.53 -25.02
C ASN A 566 16.45 -30.72 -25.64
N HIS A 567 17.78 -30.59 -25.77
CA HIS A 567 18.64 -31.69 -26.23
C HIS A 567 19.49 -32.27 -25.09
N LEU A 568 18.93 -32.35 -23.89
CA LEU A 568 19.70 -32.80 -22.72
C LEU A 568 19.90 -34.31 -22.75
N SER A 569 21.02 -34.75 -22.18
CA SER A 569 21.40 -36.15 -22.17
C SER A 569 22.24 -36.52 -20.95
N GLY A 570 22.49 -37.81 -20.77
CA GLY A 570 23.22 -38.32 -19.62
C GLY A 570 22.26 -38.64 -18.50
N LYS A 571 22.80 -39.03 -17.35
CA LYS A 571 21.95 -39.41 -16.21
C LYS A 571 21.24 -38.19 -15.61
N ILE A 572 20.01 -38.42 -15.16
CA ILE A 572 19.28 -37.45 -14.35
C ILE A 572 19.89 -37.47 -12.95
N PRO A 573 20.18 -36.29 -12.36
CA PRO A 573 20.68 -36.26 -10.98
C PRO A 573 19.77 -37.05 -10.03
N PRO A 574 20.35 -37.86 -9.13
CA PRO A 574 19.57 -38.89 -8.41
C PRO A 574 18.35 -38.40 -7.63
N LEU A 575 18.39 -37.18 -7.08
CA LEU A 575 17.22 -36.64 -6.37
C LEU A 575 16.04 -36.36 -7.33
N TYR A 576 16.35 -35.98 -8.57
CA TYR A 576 15.34 -35.71 -9.59
C TYR A 576 14.94 -36.92 -10.47
N ALA A 577 15.60 -38.07 -10.29
CA ALA A 577 15.22 -39.32 -10.96
C ALA A 577 13.91 -39.92 -10.40
N ASN A 578 13.50 -39.46 -9.22
CA ASN A 578 12.21 -39.80 -8.61
C ASN A 578 11.07 -39.54 -9.58
N LYS A 579 10.11 -40.47 -9.61
CA LYS A 579 8.93 -40.40 -10.46
C LYS A 579 8.20 -39.04 -10.38
N ILE A 580 8.18 -38.44 -9.20
CA ILE A 580 7.47 -37.18 -8.95
C ILE A 580 7.98 -35.97 -9.73
N TYR A 581 9.23 -36.00 -10.19
CA TYR A 581 9.81 -34.93 -10.99
C TYR A 581 9.84 -35.21 -12.51
N ALA A 582 9.18 -36.28 -12.95
CA ALA A 582 9.36 -36.80 -14.32
C ALA A 582 8.85 -35.85 -15.42
N HIS A 583 7.80 -35.10 -15.14
CA HIS A 583 7.27 -34.12 -16.09
C HIS A 583 8.18 -32.93 -16.34
N ASP A 584 9.19 -32.73 -15.48
CA ASP A 584 10.18 -31.65 -15.65
C ASP A 584 11.14 -31.88 -16.82
N PHE A 585 11.29 -33.14 -17.27
CA PHE A 585 12.30 -33.52 -18.27
C PHE A 585 11.74 -34.19 -19.52
N ILE A 586 10.43 -34.04 -19.78
CA ILE A 586 9.79 -34.52 -21.01
C ILE A 586 10.44 -33.92 -22.27
N GLY A 587 10.54 -34.71 -23.34
CA GLY A 587 11.12 -34.27 -24.60
C GLY A 587 12.64 -34.11 -24.58
N ASN A 588 13.31 -34.96 -23.79
CA ASN A 588 14.77 -35.03 -23.79
C ASN A 588 15.17 -36.50 -23.99
N PRO A 589 15.02 -37.01 -25.22
CA PRO A 589 15.22 -38.44 -25.51
C PRO A 589 16.51 -39.05 -24.92
N GLY A 590 17.59 -38.28 -24.90
CA GLY A 590 18.88 -38.73 -24.38
C GLY A 590 19.03 -38.85 -22.87
N LEU A 591 18.04 -38.44 -22.09
CA LEU A 591 18.13 -38.57 -20.64
C LEU A 591 17.90 -39.99 -20.17
N CYS A 592 18.63 -40.39 -19.12
CA CYS A 592 18.46 -41.71 -18.52
C CYS A 592 18.37 -41.68 -16.99
N VAL A 593 17.76 -42.73 -16.43
CA VAL A 593 17.71 -42.95 -15.00
C VAL A 593 18.70 -44.06 -14.68
N ASP A 594 19.73 -43.71 -13.93
CA ASP A 594 20.80 -44.62 -13.52
C ASP A 594 20.36 -45.38 -12.27
N LEU A 595 20.48 -46.71 -12.30
CA LEU A 595 20.14 -47.56 -11.14
C LEU A 595 21.40 -48.18 -10.49
N ASP A 596 22.53 -47.48 -10.59
CA ASP A 596 23.86 -47.98 -10.21
C ASP A 596 24.28 -49.12 -11.14
N GLY A 597 24.85 -48.73 -12.28
CA GLY A 597 25.19 -49.63 -13.38
C GLY A 597 24.34 -49.25 -14.58
N LEU A 598 23.11 -49.78 -14.58
CA LEU A 598 22.19 -49.66 -15.71
C LEU A 598 21.56 -48.28 -15.78
N CYS A 599 21.66 -47.61 -16.93
CA CYS A 599 21.02 -46.30 -17.18
C CYS A 599 19.97 -46.50 -18.27
N ARG A 600 18.71 -46.15 -18.01
CA ARG A 600 17.59 -46.44 -18.93
C ARG A 600 16.86 -45.16 -19.36
N LYS A 601 16.51 -45.06 -20.64
CA LYS A 601 15.97 -43.80 -21.16
C LYS A 601 14.47 -43.55 -20.85
N ILE A 602 14.20 -43.05 -19.65
CA ILE A 602 12.81 -42.83 -19.20
C ILE A 602 12.66 -41.44 -18.61
N TYR B 1 -0.02 9.37 19.99
CA TYR B 1 -0.43 10.28 18.90
C TYR B 1 -1.36 9.52 17.93
N VAL B 2 -2.58 10.03 17.77
CA VAL B 2 -3.57 9.45 16.87
C VAL B 2 -3.47 10.12 15.49
N PRO B 3 -2.98 9.41 14.46
CA PRO B 3 -2.92 10.01 13.12
C PRO B 3 -4.30 10.05 12.48
N ILE B 4 -4.90 11.24 12.48
CA ILE B 4 -6.22 11.46 11.88
C ILE B 4 -6.04 11.72 10.38
N PRO B 5 -6.68 10.91 9.51
CA PRO B 5 -6.50 11.11 8.07
C PRO B 5 -6.87 12.56 7.66
N PRO B 6 -6.01 13.23 6.87
CA PRO B 6 -6.31 14.62 6.50
C PRO B 6 -7.58 14.78 5.64
N SER B 7 -8.15 15.99 5.71
CA SER B 7 -9.17 16.42 4.76
C SER B 7 -8.48 16.77 3.43
N ALA B 8 -8.39 15.78 2.56
CA ALA B 8 -7.68 15.90 1.28
C ALA B 8 -8.22 14.90 0.26
N SER B 10 -8.29 11.68 -2.17
CA SER B 10 -7.80 10.30 -2.08
C SER B 10 -6.53 10.14 -2.91
N LYS B 11 -5.53 9.48 -2.34
CA LYS B 11 -4.29 9.22 -3.05
C LYS B 11 -4.29 7.89 -3.83
N ARG B 12 -5.42 7.16 -3.85
CA ARG B 12 -5.46 5.89 -4.55
C ARG B 12 -5.12 6.08 -6.03
N HIS B 13 -4.34 5.16 -6.57
CA HIS B 13 -4.00 5.16 -7.97
C HIS B 13 -3.61 3.79 -8.52
N ASN B 14 -3.72 3.70 -9.85
CA ASN B 14 -3.57 2.52 -10.76
C ASN B 14 -4.92 1.85 -11.18
N ALA C 7 -7.07 -7.68 -4.32
CA ALA C 7 -6.62 -6.29 -4.67
C ALA C 7 -6.66 -5.36 -3.44
N ASN C 8 -7.86 -4.93 -3.05
CA ASN C 8 -8.08 -4.10 -1.86
C ASN C 8 -7.81 -4.95 -0.63
N LEU C 9 -8.51 -6.10 -0.55
CA LEU C 9 -8.47 -6.97 0.63
C LEU C 9 -7.11 -7.68 0.77
N GLU C 10 -6.55 -8.09 -0.36
CA GLU C 10 -5.26 -8.76 -0.40
C GLU C 10 -4.11 -7.80 -0.10
N GLY C 11 -4.21 -6.60 -0.67
CA GLY C 11 -3.26 -5.53 -0.38
C GLY C 11 -3.23 -5.10 1.08
N ASP C 12 -4.39 -5.07 1.71
CA ASP C 12 -4.52 -4.76 3.13
C ASP C 12 -3.94 -5.86 4.03
N ALA C 13 -4.11 -7.11 3.63
CA ALA C 13 -3.51 -8.22 4.38
C ALA C 13 -1.99 -8.14 4.33
N LEU C 14 -1.44 -8.01 3.13
CA LEU C 14 0.00 -7.90 2.95
C LEU C 14 0.60 -6.64 3.61
N HIS C 15 -0.16 -5.56 3.68
CA HIS C 15 0.27 -4.38 4.40
C HIS C 15 0.28 -4.62 5.92
N THR C 16 -0.74 -5.32 6.43
CA THR C 16 -0.76 -5.72 7.85
C THR C 16 0.45 -6.59 8.20
N LEU C 17 0.88 -7.44 7.27
CA LEU C 17 2.10 -8.21 7.41
C LEU C 17 3.33 -7.31 7.50
N ARG C 18 3.40 -6.32 6.61
CA ARG C 18 4.54 -5.38 6.58
C ARG C 18 4.74 -4.63 7.90
N VAL C 19 3.65 -4.12 8.46
CA VAL C 19 3.66 -3.40 9.74
C VAL C 19 4.18 -4.29 10.89
N THR C 20 3.84 -5.57 10.83
CA THR C 20 4.18 -6.55 11.88
C THR C 20 5.62 -7.11 11.75
N LEU C 21 6.17 -7.12 10.54
CA LEU C 21 7.54 -7.56 10.32
C LEU C 21 8.54 -6.43 10.57
N VAL C 22 9.76 -6.82 10.91
CA VAL C 22 10.87 -5.90 10.96
C VAL C 22 11.68 -6.13 9.68
N ASP C 23 12.09 -5.02 9.05
CA ASP C 23 12.54 -5.00 7.67
C ASP C 23 13.77 -4.08 7.52
N PRO C 24 14.92 -4.46 8.09
CA PRO C 24 16.11 -3.58 8.09
C PRO C 24 16.66 -3.21 6.71
N ASN C 25 16.52 -4.11 5.73
CA ASN C 25 17.00 -3.85 4.36
C ASN C 25 15.92 -3.25 3.42
N ASN C 26 14.78 -2.84 3.97
CA ASN C 26 13.71 -2.22 3.20
C ASN C 26 13.32 -2.98 1.92
N VAL C 27 13.14 -4.28 2.05
CA VAL C 27 12.66 -5.13 0.95
C VAL C 27 11.18 -4.90 0.69
N LEU C 28 10.45 -4.40 1.68
CA LEU C 28 9.05 -4.04 1.54
C LEU C 28 8.79 -2.52 1.27
N GLN C 29 9.82 -1.80 0.81
CA GLN C 29 9.73 -0.37 0.42
C GLN C 29 8.60 -0.10 -0.57
N SER C 30 8.45 -0.98 -1.55
CA SER C 30 7.45 -0.84 -2.63
C SER C 30 6.01 -1.15 -2.23
N TRP C 31 5.77 -1.62 -1.01
CA TRP C 31 4.44 -2.13 -0.62
C TRP C 31 3.55 -0.95 -0.21
N ASP C 32 3.21 -0.16 -1.22
CA ASP C 32 2.56 1.12 -1.05
C ASP C 32 1.05 0.87 -0.88
N PRO C 33 0.49 1.20 0.30
CA PRO C 33 -0.94 0.92 0.54
C PRO C 33 -1.92 1.80 -0.25
N THR C 34 -1.45 2.89 -0.86
CA THR C 34 -2.27 3.70 -1.74
C THR C 34 -2.43 3.11 -3.16
N LEU C 35 -1.73 2.03 -3.48
CA LEU C 35 -1.93 1.36 -4.76
C LEU C 35 -3.23 0.56 -4.74
N VAL C 36 -3.95 0.54 -5.85
CA VAL C 36 -5.25 -0.14 -5.95
C VAL C 36 -5.11 -1.64 -5.62
N ASN C 37 -4.03 -2.26 -6.09
CA ASN C 37 -3.73 -3.66 -5.78
C ASN C 37 -2.22 -3.80 -5.61
N PRO C 38 -1.76 -4.95 -5.06
CA PRO C 38 -0.33 -5.12 -4.83
C PRO C 38 0.45 -5.68 -6.02
N CYS C 39 -0.14 -5.70 -7.21
CA CYS C 39 0.44 -6.45 -8.33
C CYS C 39 1.67 -5.82 -8.96
N THR C 40 1.91 -4.52 -8.75
CA THR C 40 3.19 -3.91 -9.13
C THR C 40 4.24 -3.96 -8.01
N TRP C 41 3.85 -4.38 -6.80
CA TRP C 41 4.79 -4.49 -5.66
C TRP C 41 5.89 -5.49 -5.92
N PHE C 42 7.08 -5.20 -5.42
CA PHE C 42 8.18 -6.17 -5.48
C PHE C 42 7.90 -7.36 -4.54
N HIS C 43 8.41 -8.52 -4.92
CA HIS C 43 8.25 -9.77 -4.18
C HIS C 43 6.84 -10.30 -4.13
N VAL C 44 5.96 -9.79 -5.00
CA VAL C 44 4.59 -10.26 -5.10
C VAL C 44 4.31 -10.54 -6.56
N THR C 45 3.60 -11.62 -6.84
CA THR C 45 3.22 -11.94 -8.21
C THR C 45 1.72 -12.18 -8.24
N CYS C 46 1.08 -11.66 -9.28
CA CYS C 46 -0.35 -11.75 -9.45
C CYS C 46 -0.67 -12.49 -10.74
N ASN C 47 -1.83 -13.16 -10.76
CA ASN C 47 -2.37 -13.77 -11.98
C ASN C 47 -2.97 -12.69 -12.91
N ASN C 48 -3.48 -13.11 -14.07
CA ASN C 48 -4.14 -12.20 -15.02
C ASN C 48 -5.34 -11.40 -14.48
N GLU C 49 -5.97 -11.90 -13.41
CA GLU C 49 -7.08 -11.20 -12.74
C GLU C 49 -6.65 -10.30 -11.58
N ASN C 50 -5.35 -10.00 -11.49
CA ASN C 50 -4.78 -9.12 -10.46
C ASN C 50 -4.95 -9.64 -9.04
N SER C 51 -4.85 -10.96 -8.88
CA SER C 51 -4.95 -11.61 -7.59
C SER C 51 -3.60 -12.24 -7.25
N VAL C 52 -3.19 -12.13 -5.99
CA VAL C 52 -1.87 -12.60 -5.56
C VAL C 52 -1.74 -14.13 -5.66
N ILE C 53 -0.71 -14.59 -6.39
CA ILE C 53 -0.36 -16.01 -6.48
C ILE C 53 1.02 -16.38 -5.89
N ARG C 54 1.94 -15.41 -5.74
CA ARG C 54 3.23 -15.67 -5.11
C ARG C 54 3.59 -14.56 -4.13
N VAL C 55 4.20 -14.95 -3.00
CA VAL C 55 4.93 -14.01 -2.15
C VAL C 55 6.32 -14.59 -1.97
N ASP C 56 7.32 -13.89 -2.51
CA ASP C 56 8.71 -14.37 -2.53
C ASP C 56 9.63 -13.49 -1.68
N LEU C 57 9.76 -13.84 -0.41
CA LEU C 57 10.54 -13.06 0.56
C LEU C 57 11.63 -13.90 1.26
N GLY C 58 12.22 -14.84 0.52
CA GLY C 58 13.31 -15.64 1.05
C GLY C 58 14.59 -14.84 1.20
N ASN C 59 15.36 -15.17 2.25
CA ASN C 59 16.70 -14.62 2.48
C ASN C 59 16.75 -13.08 2.43
N ALA C 60 15.87 -12.46 3.19
CA ALA C 60 15.65 -11.00 3.15
C ALA C 60 15.89 -10.31 4.50
N GLU C 61 16.46 -11.04 5.46
CA GLU C 61 16.78 -10.51 6.80
C GLU C 61 15.59 -9.94 7.55
N LEU C 62 14.43 -10.58 7.37
CA LEU C 62 13.19 -10.21 8.05
C LEU C 62 13.12 -10.84 9.44
N SER C 63 12.46 -10.16 10.36
CA SER C 63 12.15 -10.71 11.69
C SER C 63 10.76 -10.22 12.13
N GLY C 64 10.36 -10.52 13.37
CA GLY C 64 8.98 -10.31 13.82
C GLY C 64 8.19 -11.60 13.67
N HIS C 65 6.90 -11.48 13.39
CA HIS C 65 6.03 -12.66 13.27
C HIS C 65 5.00 -12.49 12.15
N LEU C 66 4.45 -13.61 11.70
CA LEU C 66 3.43 -13.61 10.65
C LEU C 66 2.10 -13.20 11.22
N VAL C 67 1.18 -12.85 10.33
CA VAL C 67 -0.15 -12.41 10.73
C VAL C 67 -1.21 -13.40 10.23
N PRO C 68 -2.33 -13.52 10.97
CA PRO C 68 -3.42 -14.38 10.51
C PRO C 68 -4.18 -13.85 9.27
N GLU C 69 -4.07 -12.56 8.98
CA GLU C 69 -4.69 -11.96 7.77
C GLU C 69 -4.13 -12.51 6.44
N LEU C 70 -2.96 -13.18 6.47
CA LEU C 70 -2.43 -13.93 5.31
C LEU C 70 -3.39 -14.92 4.67
N GLY C 71 -4.33 -15.47 5.44
CA GLY C 71 -5.35 -16.38 4.92
C GLY C 71 -6.39 -15.81 3.96
N VAL C 72 -6.42 -14.49 3.76
CA VAL C 72 -7.31 -13.89 2.76
C VAL C 72 -6.78 -14.00 1.33
N LEU C 73 -5.52 -14.42 1.17
CA LEU C 73 -4.91 -14.60 -0.14
C LEU C 73 -5.34 -15.95 -0.75
N LYS C 74 -6.60 -16.02 -1.17
CA LYS C 74 -7.24 -17.26 -1.58
C LYS C 74 -6.65 -17.95 -2.82
N ASN C 75 -6.00 -17.19 -3.69
CA ASN C 75 -5.33 -17.74 -4.87
C ASN C 75 -3.82 -17.89 -4.72
N LEU C 76 -3.28 -17.70 -3.52
CA LEU C 76 -1.86 -17.86 -3.28
C LEU C 76 -1.44 -19.28 -3.57
N GLN C 77 -0.39 -19.43 -4.38
CA GLN C 77 0.15 -20.73 -4.75
CA GLN C 77 0.15 -20.73 -4.77
C GLN C 77 1.50 -20.99 -4.09
N TYR C 78 2.34 -19.96 -3.99
CA TYR C 78 3.68 -20.11 -3.45
C TYR C 78 3.96 -19.08 -2.38
N LEU C 79 4.24 -19.54 -1.16
CA LEU C 79 4.59 -18.67 -0.03
C LEU C 79 6.00 -19.02 0.42
N GLU C 80 6.96 -18.17 0.04
CA GLU C 80 8.37 -18.35 0.37
C GLU C 80 8.74 -17.35 1.44
N LEU C 81 9.04 -17.83 2.63
CA LEU C 81 9.44 -16.96 3.74
C LEU C 81 10.69 -17.50 4.43
N TYR C 82 11.46 -18.25 3.66
CA TYR C 82 12.58 -19.02 4.19
C TYR C 82 13.83 -18.15 4.41
N SER C 83 14.75 -18.66 5.21
CA SER C 83 16.03 -17.98 5.53
C SER C 83 15.82 -16.56 6.01
N ASN C 84 14.98 -16.41 7.01
CA ASN C 84 14.79 -15.14 7.69
C ASN C 84 15.00 -15.42 9.19
N ASN C 85 14.62 -14.48 10.04
CA ASN C 85 14.63 -14.70 11.47
C ASN C 85 13.24 -14.43 12.03
N ILE C 86 12.24 -15.08 11.44
CA ILE C 86 10.83 -14.90 11.83
C ILE C 86 10.54 -15.80 13.03
N THR C 87 9.94 -15.20 14.06
CA THR C 87 9.63 -15.88 15.32
C THR C 87 8.11 -16.01 15.45
N GLY C 88 7.67 -16.66 16.53
CA GLY C 88 6.25 -16.85 16.79
C GLY C 88 5.69 -18.08 16.10
N PRO C 89 4.38 -18.32 16.26
CA PRO C 89 3.79 -19.53 15.71
C PRO C 89 3.49 -19.42 14.22
N ILE C 90 3.40 -20.57 13.54
CA ILE C 90 2.86 -20.62 12.20
C ILE C 90 1.35 -20.35 12.33
N PRO C 91 0.84 -19.28 11.68
CA PRO C 91 -0.58 -18.98 11.90
C PRO C 91 -1.48 -20.14 11.49
N SER C 92 -2.41 -20.48 12.39
CA SER C 92 -3.37 -21.56 12.16
C SER C 92 -4.15 -21.40 10.84
N ASN C 93 -4.50 -20.17 10.47
CA ASN C 93 -5.31 -19.96 9.27
C ASN C 93 -4.53 -19.81 7.96
N LEU C 94 -3.25 -20.20 7.96
CA LEU C 94 -2.55 -20.56 6.73
C LEU C 94 -3.18 -21.76 6.05
N GLY C 95 -3.95 -22.57 6.78
CA GLY C 95 -4.76 -23.65 6.20
C GLY C 95 -5.97 -23.20 5.38
N ASP C 96 -6.33 -21.93 5.44
CA ASP C 96 -7.37 -21.37 4.58
C ASP C 96 -6.88 -21.10 3.15
N LEU C 97 -5.59 -21.24 2.90
CA LEU C 97 -5.00 -20.96 1.59
C LEU C 97 -5.18 -22.17 0.66
N THR C 98 -6.40 -22.35 0.17
CA THR C 98 -6.81 -23.60 -0.51
C THR C 98 -6.05 -23.93 -1.81
N ASN C 99 -5.47 -22.91 -2.47
CA ASN C 99 -4.70 -23.13 -3.70
C ASN C 99 -3.18 -23.21 -3.51
N LEU C 100 -2.72 -23.25 -2.26
CA LEU C 100 -1.28 -23.26 -1.96
C LEU C 100 -0.63 -24.58 -2.45
N VAL C 101 0.47 -24.42 -3.17
CA VAL C 101 1.26 -25.53 -3.70
C VAL C 101 2.53 -25.71 -2.88
N SER C 102 3.09 -24.62 -2.40
CA SER C 102 4.35 -24.64 -1.70
C SER C 102 4.28 -23.76 -0.46
N LEU C 103 4.58 -24.34 0.71
CA LEU C 103 4.71 -23.59 1.96
C LEU C 103 6.14 -23.78 2.45
N ASP C 104 6.94 -22.73 2.31
CA ASP C 104 8.38 -22.79 2.54
C ASP C 104 8.75 -21.77 3.62
N LEU C 105 8.71 -22.25 4.86
CA LEU C 105 8.98 -21.46 6.06
C LEU C 105 10.28 -21.85 6.73
N TYR C 106 11.10 -22.63 6.02
CA TYR C 106 12.30 -23.23 6.57
C TYR C 106 13.37 -22.19 6.89
N LEU C 107 14.27 -22.52 7.81
CA LEU C 107 15.35 -21.62 8.24
C LEU C 107 14.82 -20.33 8.82
N ASN C 108 14.05 -20.48 9.89
CA ASN C 108 13.52 -19.38 10.68
C ASN C 108 13.53 -19.82 12.14
N SER C 109 12.88 -19.07 13.03
CA SER C 109 12.74 -19.46 14.44
C SER C 109 11.28 -19.62 14.82
N PHE C 110 10.49 -20.24 13.95
CA PHE C 110 9.08 -20.53 14.23
C PHE C 110 8.98 -21.49 15.42
N SER C 111 8.03 -21.22 16.30
CA SER C 111 7.85 -21.97 17.54
C SER C 111 6.42 -22.50 17.59
N GLY C 112 6.12 -23.31 18.60
CA GLY C 112 4.81 -23.90 18.73
C GLY C 112 4.54 -25.01 17.71
N PRO C 113 3.29 -25.44 17.61
CA PRO C 113 2.99 -26.61 16.79
C PRO C 113 2.95 -26.36 15.30
N ILE C 114 2.97 -27.46 14.56
CA ILE C 114 2.53 -27.47 13.18
C ILE C 114 1.00 -27.51 13.29
N PRO C 115 0.31 -26.47 12.77
CA PRO C 115 -1.14 -26.46 12.93
C PRO C 115 -1.86 -27.62 12.24
N GLU C 116 -2.88 -28.14 12.89
CA GLU C 116 -3.75 -29.19 12.35
C GLU C 116 -4.42 -28.73 11.02
N SER C 117 -4.69 -27.43 10.92
CA SER C 117 -5.34 -26.82 9.75
C SER C 117 -4.60 -26.99 8.42
N LEU C 118 -3.29 -27.22 8.46
CA LEU C 118 -2.50 -27.46 7.24
C LEU C 118 -2.95 -28.68 6.46
N GLY C 119 -3.65 -29.61 7.12
CA GLY C 119 -4.29 -30.73 6.44
C GLY C 119 -5.36 -30.37 5.41
N LYS C 120 -5.95 -29.18 5.53
CA LYS C 120 -6.93 -28.67 4.57
C LYS C 120 -6.30 -28.09 3.28
N LEU C 121 -4.97 -28.03 3.21
CA LEU C 121 -4.25 -27.61 2.00
C LEU C 121 -4.21 -28.76 0.99
N SER C 122 -5.32 -28.95 0.29
CA SER C 122 -5.52 -30.14 -0.58
C SER C 122 -4.69 -30.17 -1.87
N LYS C 123 -4.09 -29.05 -2.25
CA LYS C 123 -3.21 -28.99 -3.44
C LYS C 123 -1.73 -28.84 -3.10
N LEU C 124 -1.39 -28.85 -1.80
CA LEU C 124 -0.01 -28.68 -1.35
C LEU C 124 0.86 -29.78 -1.92
N ARG C 125 1.97 -29.38 -2.52
CA ARG C 125 2.96 -30.30 -3.09
C ARG C 125 4.29 -30.27 -2.30
N PHE C 126 4.76 -29.08 -1.97
CA PHE C 126 6.01 -28.90 -1.23
C PHE C 126 5.72 -28.37 0.16
N LEU C 127 6.21 -29.06 1.20
CA LEU C 127 6.12 -28.57 2.57
C LEU C 127 7.48 -28.65 3.27
N ARG C 128 8.14 -27.49 3.38
CA ARG C 128 9.49 -27.40 3.93
C ARG C 128 9.51 -26.44 5.14
N LEU C 129 9.47 -27.04 6.32
CA LEU C 129 9.46 -26.35 7.62
C LEU C 129 10.73 -26.58 8.42
N ASN C 130 11.74 -27.17 7.79
CA ASN C 130 12.96 -27.56 8.49
C ASN C 130 13.71 -26.37 9.06
N ASN C 131 14.55 -26.63 10.06
CA ASN C 131 15.39 -25.61 10.71
C ASN C 131 14.56 -24.52 11.32
N ASN C 132 13.72 -24.93 12.25
CA ASN C 132 12.90 -24.05 13.08
C ASN C 132 12.96 -24.60 14.51
N SER C 133 12.12 -24.06 15.39
CA SER C 133 11.98 -24.61 16.76
C SER C 133 10.56 -25.14 17.00
N LEU C 134 10.02 -25.84 16.00
CA LEU C 134 8.66 -26.39 16.09
C LEU C 134 8.58 -27.59 17.04
N THR C 135 7.54 -27.62 17.87
CA THR C 135 7.33 -28.63 18.89
C THR C 135 6.02 -29.40 18.63
N GLY C 136 5.73 -30.38 19.49
CA GLY C 136 4.52 -31.19 19.38
C GLY C 136 4.66 -32.26 18.31
N SER C 137 3.54 -32.88 17.95
CA SER C 137 3.52 -33.95 16.96
C SER C 137 3.13 -33.50 15.55
N ILE C 138 3.36 -34.37 14.59
CA ILE C 138 3.05 -34.14 13.18
C ILE C 138 1.57 -34.48 12.98
N PRO C 139 0.74 -33.50 12.54
CA PRO C 139 -0.70 -33.78 12.40
C PRO C 139 -1.01 -34.89 11.38
N MET C 140 -1.81 -35.86 11.79
CA MET C 140 -2.27 -36.92 10.88
C MET C 140 -2.95 -36.41 9.60
N SER C 141 -3.73 -35.34 9.73
CA SER C 141 -4.43 -34.74 8.59
C SER C 141 -3.52 -34.51 7.36
N LEU C 142 -2.24 -34.26 7.59
CA LEU C 142 -1.26 -34.14 6.49
C LEU C 142 -1.16 -35.40 5.58
N THR C 143 -1.43 -36.57 6.11
CA THR C 143 -1.42 -37.81 5.31
C THR C 143 -2.50 -37.82 4.20
N GLN C 144 -3.56 -37.04 4.42
CA GLN C 144 -4.69 -36.93 3.51
C GLN C 144 -4.52 -35.89 2.38
N ILE C 145 -3.38 -35.19 2.35
CA ILE C 145 -3.03 -34.34 1.21
C ILE C 145 -2.41 -35.22 0.11
N THR C 146 -3.23 -35.63 -0.85
CA THR C 146 -2.84 -36.56 -1.92
C THR C 146 -1.71 -36.04 -2.79
N THR C 147 -1.63 -34.73 -2.94
CA THR C 147 -0.64 -34.07 -3.77
C THR C 147 0.73 -33.88 -3.15
N LEU C 148 0.84 -34.06 -1.83
CA LEU C 148 2.08 -33.81 -1.09
C LEU C 148 3.19 -34.77 -1.50
N GLN C 149 4.26 -34.21 -2.07
CA GLN C 149 5.37 -34.98 -2.60
C GLN C 149 6.74 -34.64 -2.04
N VAL C 150 6.90 -33.48 -1.43
CA VAL C 150 8.18 -33.11 -0.85
C VAL C 150 7.91 -32.56 0.54
N LEU C 151 8.58 -33.18 1.53
CA LEU C 151 8.36 -32.87 2.95
C LEU C 151 9.71 -32.79 3.66
N ASP C 152 9.93 -31.71 4.40
CA ASP C 152 11.11 -31.59 5.25
C ASP C 152 10.69 -30.92 6.54
N LEU C 153 10.65 -31.74 7.62
CA LEU C 153 10.41 -31.28 8.98
C LEU C 153 11.66 -31.41 9.87
N SER C 154 12.81 -31.71 9.25
CA SER C 154 14.03 -32.00 9.97
C SER C 154 14.58 -30.78 10.72
N ASN C 155 15.43 -31.00 11.71
CA ASN C 155 15.97 -29.92 12.55
C ASN C 155 14.89 -29.05 13.19
N ASN C 156 13.98 -29.73 13.88
CA ASN C 156 12.96 -29.12 14.72
C ASN C 156 12.98 -29.79 16.11
N ARG C 157 11.99 -29.49 16.96
CA ARG C 157 11.82 -30.18 18.25
C ARG C 157 10.53 -30.99 18.28
N LEU C 158 10.24 -31.68 17.17
CA LEU C 158 9.01 -32.47 17.07
C LEU C 158 9.16 -33.78 17.83
N SER C 159 8.02 -34.34 18.24
CA SER C 159 8.00 -35.58 18.99
C SER C 159 6.73 -36.36 18.70
N GLY C 160 6.68 -37.61 19.17
CA GLY C 160 5.54 -38.47 18.94
C GLY C 160 5.67 -39.25 17.65
N SER C 161 4.57 -39.90 17.27
CA SER C 161 4.54 -40.84 16.17
C SER C 161 4.63 -40.16 14.79
N VAL C 162 5.50 -40.68 13.93
CA VAL C 162 5.59 -40.20 12.55
C VAL C 162 4.70 -41.11 11.71
N PRO C 163 3.66 -40.55 11.06
CA PRO C 163 2.76 -41.40 10.26
C PRO C 163 3.43 -41.90 9.00
N ASP C 164 3.02 -43.06 8.50
CA ASP C 164 3.62 -43.64 7.29
C ASP C 164 2.60 -44.09 6.23
N ASN C 165 1.34 -43.66 6.37
CA ASN C 165 0.30 -43.95 5.37
C ASN C 165 0.00 -42.73 4.49
N GLY C 166 -0.70 -42.97 3.39
CA GLY C 166 -1.11 -41.92 2.47
C GLY C 166 0.07 -41.33 1.75
N SER C 167 0.15 -40.01 1.73
CA SER C 167 1.27 -39.31 1.10
C SER C 167 2.59 -39.52 1.87
N PHE C 168 2.51 -39.77 3.17
CA PHE C 168 3.71 -40.02 4.00
C PHE C 168 4.46 -41.33 3.70
N SER C 169 3.82 -42.26 2.98
CA SER C 169 4.50 -43.49 2.56
C SER C 169 5.72 -43.25 1.67
N LEU C 170 5.73 -42.15 0.92
CA LEU C 170 6.86 -41.75 0.07
C LEU C 170 8.11 -41.25 0.82
N PHE C 171 7.98 -40.81 2.07
CA PHE C 171 9.06 -40.04 2.72
C PHE C 171 10.07 -40.89 3.48
N THR C 172 11.34 -40.53 3.33
CA THR C 172 12.47 -41.26 3.88
C THR C 172 12.88 -40.58 5.21
N PRO C 173 13.76 -41.22 6.01
CA PRO C 173 14.24 -40.64 7.28
C PRO C 173 14.80 -39.21 7.21
N ILE C 174 15.39 -38.85 6.08
CA ILE C 174 15.94 -37.51 5.88
C ILE C 174 14.91 -36.35 5.96
N SER C 175 13.62 -36.65 5.78
CA SER C 175 12.53 -35.70 6.00
C SER C 175 12.28 -35.39 7.47
N PHE C 176 12.72 -36.26 8.38
CA PHE C 176 12.40 -36.15 9.80
C PHE C 176 13.62 -36.13 10.74
N ALA C 177 14.83 -36.10 10.19
CA ALA C 177 16.06 -36.17 10.99
C ALA C 177 16.22 -35.01 11.98
N ASN C 178 17.00 -35.27 13.02
CA ASN C 178 17.37 -34.32 14.08
C ASN C 178 16.18 -33.61 14.74
N ASN C 179 15.23 -34.40 15.20
CA ASN C 179 14.11 -33.91 16.01
C ASN C 179 14.22 -34.39 17.47
N LEU C 180 13.34 -33.87 18.33
CA LEU C 180 13.42 -34.12 19.77
C LEU C 180 13.19 -35.58 20.14
N ASP C 181 12.01 -36.09 19.81
CA ASP C 181 11.60 -37.40 20.29
C ASP C 181 10.59 -38.08 19.37
N LEU C 182 11.00 -38.32 18.13
CA LEU C 182 10.13 -38.97 17.13
C LEU C 182 10.25 -40.49 17.16
N CYS C 183 9.13 -41.19 17.06
CA CYS C 183 9.09 -42.66 16.95
C CYS C 183 8.35 -43.11 15.70
N GLY C 184 8.44 -44.41 15.39
CA GLY C 184 7.72 -45.03 14.28
C GLY C 184 8.65 -45.70 13.29
N PRO C 185 8.08 -46.36 12.25
CA PRO C 185 8.86 -47.20 11.32
C PRO C 185 9.96 -46.46 10.56
N VAL C 186 9.67 -45.24 10.13
CA VAL C 186 10.66 -44.44 9.38
C VAL C 186 11.88 -44.02 10.22
N THR C 187 11.70 -43.88 11.55
CA THR C 187 12.84 -43.72 12.46
C THR C 187 13.34 -45.11 12.86
N SER C 188 14.52 -45.16 13.47
CA SER C 188 15.03 -46.43 14.03
C SER C 188 14.25 -46.92 15.26
N HIS C 189 13.63 -46.00 16.00
CA HIS C 189 12.98 -46.28 17.27
C HIS C 189 11.48 -46.56 17.09
N PRO C 190 11.00 -47.78 17.44
CA PRO C 190 9.55 -47.92 17.56
C PRO C 190 8.99 -47.11 18.73
N CYS C 191 7.67 -46.97 18.77
CA CYS C 191 7.02 -45.95 19.60
C CYS C 191 6.62 -46.45 20.99
N PRO C 192 6.80 -45.58 22.00
CA PRO C 192 6.72 -45.64 23.46
C PRO C 192 5.74 -46.67 24.00
#